data_6V8D
#
_entry.id   6V8D
#
_cell.length_a   202.596
_cell.length_b   111.958
_cell.length_c   57.873
_cell.angle_alpha   90.000
_cell.angle_beta   104.110
_cell.angle_gamma   90.000
#
_symmetry.space_group_name_H-M   'C 1 2 1'
#
loop_
_entity.id
_entity.type
_entity.pdbx_description
1 polymer 'Ornithine aminotransferase, mitochondrial'
2 non-polymer "PYRIDOXAL-5'-PHOSPHATE"
3 non-polymer '(3Z)-3-iminocyclohex-1-ene-1-carboxylic acid'
4 water water
#
_entity_poly.entity_id   1
_entity_poly.type   'polypeptide(L)'
_entity_poly.pdbx_seq_one_letter_code
;GPPTSDDIFEREYKYGAHNYHPLPVALERGKGIYLWDVEGRKYFDFLSSYSAVNQGHCHPKIVNALKSQVDKLTLTSRAF
YNNVLGEYEEYITKLFNYHKVLPMNTGVEAGETACKLARKWGYTVKGIQKYKAKIVFAAGNFWGRTLSAISSSTDPTSYD
GFGPFMPGFDIIPYNDLPALERALQDPNVAAFMVEPIQGEAGVVVPDPGYLMGVRELCTRHQVLFIADEIQTGLARTGRW
LAVDYENVRPDIVLLGKALSGGLYPVSAVLCDDDIMLTIKPGEHGSTYGGNPLGCRVAIAALEVLEEENLAENADKLGII
LRNELMKLPSDVVTAVRGKGLLNAIVIKETKDWDAWKVCLRLRDNGLLAKPTHGDIIRFAPPLVIKEDELRESIEIINKT
ILSF
;
_entity_poly.pdbx_strand_id   A,B,C
#
loop_
_chem_comp.id
_chem_comp.type
_chem_comp.name
_chem_comp.formula
O78 non-polymer '(3Z)-3-iminocyclohex-1-ene-1-carboxylic acid' 'C7 H9 N O2'
PLP non-polymer PYRIDOXAL-5'-PHOSPHATE 'C8 H10 N O6 P'
#
# COMPACT_ATOMS: atom_id res chain seq x y z
N PRO A 3 13.07 3.12 36.09
CA PRO A 3 13.07 3.14 34.62
C PRO A 3 12.26 4.31 34.04
N THR A 4 12.95 5.38 33.67
CA THR A 4 12.31 6.59 33.20
C THR A 4 11.83 6.44 31.76
N SER A 5 11.14 7.47 31.26
CA SER A 5 10.76 7.49 29.85
C SER A 5 11.99 7.45 28.94
N ASP A 6 13.03 8.21 29.29
CA ASP A 6 14.22 8.26 28.45
C ASP A 6 14.94 6.91 28.40
N ASP A 7 14.98 6.19 29.53
CA ASP A 7 15.56 4.84 29.50
C ASP A 7 14.79 3.93 28.56
N ILE A 8 13.46 4.08 28.53
CA ILE A 8 12.65 3.23 27.67
C ILE A 8 12.91 3.55 26.20
N PHE A 9 12.96 4.83 25.84
CA PHE A 9 13.32 5.20 24.48
C PHE A 9 14.66 4.60 24.08
N GLU A 10 15.64 4.63 25.00
CA GLU A 10 16.99 4.23 24.65
C GLU A 10 17.11 2.72 24.52
N ARG A 11 16.41 1.97 25.38
CA ARG A 11 16.47 0.51 25.30
C ARG A 11 15.93 0.02 23.96
N GLU A 12 14.78 0.57 23.52
CA GLU A 12 14.22 0.15 22.24
C GLU A 12 15.09 0.59 21.07
N TYR A 13 15.71 1.77 21.18
CA TYR A 13 16.65 2.21 20.17
C TYR A 13 17.79 1.22 20.00
N LYS A 14 18.20 0.56 21.09
CA LYS A 14 19.35 -0.35 21.00
C LYS A 14 18.97 -1.73 20.49
N TYR A 15 17.88 -2.30 21.02
CA TYR A 15 17.58 -3.70 20.78
C TYR A 15 16.40 -3.95 19.86
N GLY A 16 15.67 -2.91 19.46
CA GLY A 16 14.50 -3.03 18.60
C GLY A 16 14.75 -2.43 17.23
N ALA A 17 14.14 -3.03 16.21
CA ALA A 17 14.19 -2.45 14.88
C ALA A 17 13.68 -1.01 14.89
N HIS A 18 14.13 -0.23 13.92
CA HIS A 18 13.75 1.17 13.77
C HIS A 18 12.66 1.36 12.72
N ASN A 19 11.71 0.43 12.62
CA ASN A 19 10.68 0.54 11.61
C ASN A 19 9.57 1.54 11.99
N TYR A 20 9.57 2.01 13.22
CA TYR A 20 8.72 3.11 13.65
C TYR A 20 9.58 4.23 14.19
N HIS A 21 9.04 5.45 14.17
CA HIS A 21 9.50 6.51 15.05
C HIS A 21 8.29 6.97 15.85
N PRO A 22 8.11 6.50 17.07
CA PRO A 22 6.89 6.82 17.82
C PRO A 22 6.95 8.22 18.42
N LEU A 23 5.78 8.71 18.79
CA LEU A 23 5.71 9.90 19.61
C LEU A 23 6.40 9.62 20.95
N PRO A 24 7.33 10.47 21.39
CA PRO A 24 8.07 10.17 22.63
C PRO A 24 7.19 10.26 23.86
N VAL A 25 6.47 9.18 24.15
CA VAL A 25 5.74 9.02 25.41
C VAL A 25 5.72 7.52 25.72
N ALA A 26 5.96 7.18 26.99
CA ALA A 26 6.15 5.80 27.41
C ALA A 26 5.01 5.40 28.35
N LEU A 27 4.03 4.69 27.83
CA LEU A 27 2.86 4.31 28.63
C LEU A 27 3.08 2.99 29.36
N GLU A 28 2.42 2.86 30.51
CA GLU A 28 2.45 1.61 31.26
C GLU A 28 1.09 1.18 31.77
N ARG A 29 0.06 2.01 31.66
CA ARG A 29 -1.27 1.63 32.12
C ARG A 29 -2.31 2.29 31.23
N GLY A 30 -3.39 1.58 30.98
CA GLY A 30 -4.50 2.12 30.21
C GLY A 30 -5.82 1.67 30.80
N LYS A 31 -6.79 2.56 30.73
CA LYS A 31 -8.13 2.27 31.26
C LYS A 31 -9.12 3.16 30.54
N GLY A 32 -9.97 2.57 29.72
CA GLY A 32 -10.99 3.34 29.03
C GLY A 32 -10.34 4.29 28.03
N ILE A 33 -10.62 5.59 28.20
CA ILE A 33 -10.06 6.61 27.30
C ILE A 33 -8.70 7.12 27.74
N TYR A 34 -8.16 6.62 28.85
CA TYR A 34 -6.97 7.19 29.45
C TYR A 34 -5.76 6.26 29.33
N LEU A 35 -4.59 6.88 29.24
CA LEU A 35 -3.31 6.19 29.31
C LEU A 35 -2.45 6.93 30.33
N TRP A 36 -1.64 6.17 31.08
CA TRP A 36 -0.69 6.73 32.05
C TRP A 36 0.72 6.35 31.63
N ASP A 37 1.65 7.30 31.75
CA ASP A 37 3.04 7.02 31.41
C ASP A 37 3.81 6.61 32.66
N VAL A 38 5.09 6.26 32.49
CA VAL A 38 5.89 5.73 33.60
C VAL A 38 6.22 6.79 34.64
N GLU A 39 6.04 8.08 34.32
CA GLU A 39 6.15 9.12 35.33
C GLU A 39 4.82 9.39 36.02
N GLY A 40 3.76 8.68 35.64
CA GLY A 40 2.46 8.84 36.26
C GLY A 40 1.57 9.89 35.64
N ARG A 41 1.98 10.50 34.53
CA ARG A 41 1.16 11.51 33.88
C ARG A 41 -0.01 10.85 33.14
N LYS A 42 -1.15 11.55 33.11
CA LYS A 42 -2.38 11.03 32.56
C LYS A 42 -2.71 11.71 31.24
N TYR A 43 -3.15 10.93 30.25
CA TYR A 43 -3.40 11.43 28.91
C TYR A 43 -4.73 10.91 28.38
N PHE A 44 -5.37 11.73 27.55
CA PHE A 44 -6.42 11.24 26.67
C PHE A 44 -5.77 10.49 25.50
N ASP A 45 -6.29 9.30 25.21
CA ASP A 45 -5.88 8.56 24.02
C ASP A 45 -6.76 9.00 22.86
N PHE A 46 -6.17 9.69 21.88
CA PHE A 46 -6.90 10.09 20.69
C PHE A 46 -6.40 9.41 19.43
N LEU A 47 -5.77 8.25 19.60
CA LEU A 47 -5.45 7.34 18.50
C LEU A 47 -6.15 6.00 18.62
N SER A 48 -6.38 5.52 19.84
CA SER A 48 -7.05 4.23 20.07
C SER A 48 -6.35 3.09 19.36
N SER A 49 -5.01 3.15 19.29
CA SER A 49 -4.20 2.14 18.62
C SER A 49 -4.73 1.85 17.22
N TYR A 50 -4.88 2.90 16.40
CA TYR A 50 -5.43 2.81 15.05
C TYR A 50 -6.83 2.20 15.05
N SER A 51 -7.62 2.58 16.05
CA SER A 51 -9.01 2.18 16.19
C SER A 51 -9.16 0.72 16.63
N ALA A 52 -8.13 0.17 17.28
CA ALA A 52 -8.25 -1.16 17.86
C ALA A 52 -8.84 -1.18 19.26
N VAL A 53 -8.87 -0.06 19.98
CA VAL A 53 -9.51 -0.09 21.30
C VAL A 53 -10.76 0.79 21.28
N ASN A 54 -11.69 0.49 20.37
CA ASN A 54 -12.97 1.18 20.35
C ASN A 54 -13.67 1.08 21.71
N GLN A 55 -13.54 -0.07 22.36
CA GLN A 55 -14.18 -0.36 23.64
C GLN A 55 -13.44 0.26 24.83
N GLY A 56 -12.40 1.05 24.59
CA GLY A 56 -11.57 1.56 25.66
C GLY A 56 -10.56 0.53 26.14
N HIS A 57 -9.51 1.02 26.79
CA HIS A 57 -8.41 0.15 27.20
C HIS A 57 -8.86 -0.77 28.32
N CYS A 58 -8.53 -2.06 28.18
CA CYS A 58 -8.75 -3.05 29.24
C CYS A 58 -10.23 -3.08 29.68
N HIS A 59 -11.13 -3.24 28.72
CA HIS A 59 -12.55 -3.30 29.08
C HIS A 59 -12.79 -4.54 29.94
N PRO A 60 -13.43 -4.39 31.11
CA PRO A 60 -13.52 -5.52 32.04
C PRO A 60 -14.25 -6.74 31.48
N LYS A 61 -15.27 -6.57 30.64
CA LYS A 61 -15.95 -7.74 30.11
C LYS A 61 -15.04 -8.51 29.16
N ILE A 62 -14.25 -7.81 28.35
CA ILE A 62 -13.31 -8.49 27.46
C ILE A 62 -12.15 -9.07 28.25
N VAL A 63 -11.67 -8.34 29.26
CA VAL A 63 -10.64 -8.86 30.16
C VAL A 63 -11.11 -10.16 30.82
N ASN A 64 -12.33 -10.17 31.33
CA ASN A 64 -12.86 -11.35 32.01
C ASN A 64 -12.98 -12.53 31.05
N ALA A 65 -13.40 -12.28 29.81
CA ALA A 65 -13.45 -13.37 28.84
C ALA A 65 -12.07 -13.95 28.58
N LEU A 66 -11.05 -13.10 28.45
CA LEU A 66 -9.70 -13.60 28.26
C LEU A 66 -9.23 -14.39 29.49
N LYS A 67 -9.45 -13.84 30.68
CA LYS A 67 -9.04 -14.50 31.91
C LYS A 67 -9.76 -15.83 32.09
N SER A 68 -11.04 -15.88 31.73
CA SER A 68 -11.80 -17.12 31.91
C SER A 68 -11.29 -18.22 30.99
N GLN A 69 -11.03 -17.89 29.71
CA GLN A 69 -10.69 -18.91 28.72
C GLN A 69 -9.25 -19.40 28.84
N VAL A 70 -8.32 -18.53 29.24
CA VAL A 70 -6.92 -18.92 29.26
C VAL A 70 -6.64 -20.06 30.23
N ASP A 71 -7.52 -20.26 31.22
CA ASP A 71 -7.37 -21.37 32.16
C ASP A 71 -7.83 -22.69 31.59
N LYS A 72 -8.63 -22.68 30.53
CA LYS A 72 -9.20 -23.90 29.94
C LYS A 72 -8.39 -24.39 28.76
N LEU A 73 -8.25 -23.55 27.73
CA LEU A 73 -7.69 -23.96 26.45
C LEU A 73 -7.41 -22.72 25.61
N THR A 74 -6.20 -22.61 25.06
CA THR A 74 -5.88 -21.43 24.29
C THR A 74 -5.56 -21.70 22.82
N LEU A 75 -5.13 -22.91 22.47
CA LEU A 75 -4.73 -23.18 21.08
C LEU A 75 -4.70 -24.68 20.83
N THR A 76 -5.56 -25.14 19.93
CA THR A 76 -5.48 -26.50 19.42
C THR A 76 -4.93 -26.58 18.00
N SER A 77 -4.87 -25.44 17.29
CA SER A 77 -4.77 -25.38 15.84
C SER A 77 -6.06 -25.92 15.22
N ARG A 78 -6.33 -25.58 13.97
CA ARG A 78 -7.53 -26.05 13.31
C ARG A 78 -7.33 -27.43 12.67
N ALA A 79 -6.25 -28.13 13.00
CA ALA A 79 -6.16 -29.55 12.71
C ALA A 79 -7.11 -30.36 13.59
N PHE A 80 -7.57 -29.77 14.69
CA PHE A 80 -8.63 -30.36 15.50
C PHE A 80 -9.70 -29.29 15.72
N TYR A 81 -10.86 -29.72 16.21
CA TYR A 81 -11.90 -28.79 16.60
C TYR A 81 -11.72 -28.41 18.06
N ASN A 82 -12.12 -27.19 18.38
CA ASN A 82 -12.35 -26.80 19.76
C ASN A 82 -13.82 -26.39 19.90
N ASN A 83 -14.25 -26.18 21.13
CA ASN A 83 -15.66 -25.95 21.39
C ASN A 83 -16.08 -24.49 21.24
N VAL A 84 -15.14 -23.57 21.05
CA VAL A 84 -15.43 -22.14 21.07
C VAL A 84 -15.63 -21.57 19.66
N LEU A 85 -14.80 -21.99 18.71
CA LEU A 85 -14.77 -21.39 17.38
C LEU A 85 -16.17 -21.31 16.76
N GLY A 86 -16.87 -22.44 16.71
CA GLY A 86 -18.18 -22.47 16.08
C GLY A 86 -19.19 -21.55 16.75
N GLU A 87 -19.09 -21.39 18.07
CA GLU A 87 -19.94 -20.44 18.77
C GLU A 87 -19.67 -19.01 18.29
N TYR A 88 -18.39 -18.65 18.18
CA TYR A 88 -18.04 -17.34 17.64
C TYR A 88 -18.49 -17.21 16.20
N GLU A 89 -18.29 -18.26 15.39
CA GLU A 89 -18.67 -18.20 13.98
C GLU A 89 -20.17 -17.96 13.83
N GLU A 90 -20.99 -18.67 14.60
CA GLU A 90 -22.42 -18.47 14.51
C GLU A 90 -22.80 -17.07 14.94
N TYR A 91 -22.15 -16.56 15.99
CA TYR A 91 -22.47 -15.22 16.49
C TYR A 91 -22.13 -14.15 15.47
N ILE A 92 -20.92 -14.18 14.92
CA ILE A 92 -20.50 -13.07 14.06
C ILE A 92 -21.20 -13.13 12.70
N THR A 93 -21.50 -14.32 12.18
CA THR A 93 -22.16 -14.40 10.88
C THR A 93 -23.61 -13.95 10.96
N LYS A 94 -24.28 -14.26 12.07
CA LYS A 94 -25.66 -13.81 12.22
C LYS A 94 -25.72 -12.32 12.51
N LEU A 95 -24.69 -11.79 13.16
CA LEU A 95 -24.66 -10.36 13.46
C LEU A 95 -24.57 -9.55 12.17
N PHE A 96 -23.75 -9.99 11.21
CA PHE A 96 -23.55 -9.23 9.99
C PHE A 96 -24.29 -9.81 8.78
N ASN A 97 -24.98 -10.94 8.97
CA ASN A 97 -25.83 -11.54 7.93
C ASN A 97 -25.03 -11.95 6.69
N TYR A 98 -23.94 -12.69 6.92
CA TYR A 98 -23.26 -13.43 5.87
C TYR A 98 -23.27 -14.89 6.27
N HIS A 99 -23.18 -15.78 5.29
CA HIS A 99 -23.25 -17.21 5.57
C HIS A 99 -22.10 -17.66 6.46
N LYS A 100 -20.88 -17.26 6.13
CA LYS A 100 -19.71 -17.85 6.77
C LYS A 100 -18.68 -16.79 7.09
N VAL A 101 -17.76 -17.15 8.00
CA VAL A 101 -16.64 -16.31 8.38
C VAL A 101 -15.38 -17.16 8.26
N LEU A 102 -14.30 -16.56 7.78
CA LEU A 102 -13.00 -17.22 7.79
C LEU A 102 -12.12 -16.50 8.80
N PRO A 103 -11.71 -17.16 9.89
CA PRO A 103 -10.97 -16.46 10.94
C PRO A 103 -9.48 -16.36 10.65
N MET A 104 -8.91 -15.16 10.82
CA MET A 104 -7.47 -14.97 10.78
C MET A 104 -7.03 -14.20 12.02
N ASN A 105 -5.81 -13.68 12.02
CA ASN A 105 -5.27 -12.99 13.20
C ASN A 105 -5.16 -11.49 12.99
N THR A 106 -4.39 -11.05 12.00
CA THR A 106 -4.14 -9.63 11.79
C THR A 106 -4.95 -9.12 10.60
N GLY A 107 -4.99 -7.79 10.48
CA GLY A 107 -5.76 -7.18 9.42
C GLY A 107 -5.24 -7.52 8.04
N VAL A 108 -3.91 -7.50 7.86
CA VAL A 108 -3.36 -7.80 6.55
C VAL A 108 -3.61 -9.25 6.17
N GLU A 109 -3.66 -10.15 7.17
CA GLU A 109 -4.02 -11.54 6.89
C GLU A 109 -5.45 -11.64 6.38
N ALA A 110 -6.37 -10.83 6.93
CA ALA A 110 -7.71 -10.78 6.37
C ALA A 110 -7.69 -10.26 4.94
N GLY A 111 -6.88 -9.23 4.69
CA GLY A 111 -6.76 -8.71 3.32
C GLY A 111 -6.22 -9.73 2.35
N GLU A 112 -5.17 -10.46 2.74
CA GLU A 112 -4.63 -11.50 1.87
C GLU A 112 -5.66 -12.60 1.60
N THR A 113 -6.41 -12.99 2.63
CA THR A 113 -7.48 -13.95 2.46
C THR A 113 -8.50 -13.49 1.44
N ALA A 114 -8.86 -12.19 1.48
CA ALA A 114 -9.84 -11.67 0.54
C ALA A 114 -9.30 -11.68 -0.89
N CYS A 115 -8.02 -11.34 -1.08
CA CYS A 115 -7.43 -11.43 -2.41
C CYS A 115 -7.44 -12.86 -2.91
N LYS A 116 -7.15 -13.82 -2.04
CA LYS A 116 -7.15 -15.22 -2.46
C LYS A 116 -8.56 -15.69 -2.79
N LEU A 117 -9.56 -15.24 -2.02
CA LEU A 117 -10.94 -15.57 -2.33
C LEU A 117 -11.36 -14.95 -3.66
N ALA A 118 -11.01 -13.68 -3.86
CA ALA A 118 -11.39 -13.00 -5.10
C ALA A 118 -10.79 -13.71 -6.31
N ARG A 119 -9.51 -14.09 -6.23
CA ARG A 119 -8.85 -14.75 -7.36
C ARG A 119 -9.47 -16.13 -7.61
N LYS A 120 -9.62 -16.94 -6.56
CA LYS A 120 -10.17 -18.28 -6.73
C LYS A 120 -11.62 -18.24 -7.22
N TRP A 121 -12.39 -17.26 -6.74
CA TRP A 121 -13.73 -17.05 -7.30
C TRP A 121 -13.64 -16.57 -8.74
N GLY A 122 -12.69 -15.68 -9.05
CA GLY A 122 -12.53 -15.23 -10.42
C GLY A 122 -12.29 -16.36 -11.40
N TYR A 123 -11.49 -17.35 -11.01
CA TYR A 123 -11.14 -18.45 -11.90
C TYR A 123 -12.21 -19.54 -11.92
N THR A 124 -12.70 -19.95 -10.75
CA THR A 124 -13.57 -21.12 -10.68
C THR A 124 -15.04 -20.80 -10.88
N VAL A 125 -15.46 -19.56 -10.65
CA VAL A 125 -16.86 -19.16 -10.80
C VAL A 125 -17.06 -18.22 -11.98
N LYS A 126 -16.30 -17.12 -12.02
CA LYS A 126 -16.44 -16.19 -13.13
C LYS A 126 -15.84 -16.75 -14.42
N GLY A 127 -14.84 -17.61 -14.30
CA GLY A 127 -14.24 -18.23 -15.47
C GLY A 127 -13.12 -17.44 -16.13
N ILE A 128 -12.48 -16.51 -15.41
CA ILE A 128 -11.30 -15.83 -15.93
C ILE A 128 -10.20 -16.86 -16.18
N GLN A 129 -9.48 -16.69 -17.30
CA GLN A 129 -8.39 -17.60 -17.61
C GLN A 129 -7.29 -17.50 -16.57
N LYS A 130 -6.76 -18.65 -16.17
CA LYS A 130 -5.98 -18.73 -14.95
C LYS A 130 -4.78 -17.79 -14.97
N TYR A 131 -4.74 -16.92 -13.96
CA TYR A 131 -3.67 -16.03 -13.57
C TYR A 131 -3.68 -14.74 -14.38
N LYS A 132 -4.83 -14.46 -15.02
CA LYS A 132 -5.15 -13.15 -15.56
C LYS A 132 -6.05 -12.33 -14.65
N ALA A 133 -6.46 -12.87 -13.50
CA ALA A 133 -7.41 -12.16 -12.65
C ALA A 133 -6.77 -10.92 -12.06
N LYS A 134 -7.51 -9.81 -12.11
CA LYS A 134 -7.03 -8.55 -11.56
C LYS A 134 -7.86 -8.16 -10.36
N ILE A 135 -7.23 -7.41 -9.46
CA ILE A 135 -7.91 -6.78 -8.33
C ILE A 135 -7.59 -5.29 -8.38
N VAL A 136 -8.63 -4.47 -8.32
CA VAL A 136 -8.48 -3.02 -8.38
C VAL A 136 -8.48 -2.46 -6.97
N PHE A 137 -7.58 -1.52 -6.72
CA PHE A 137 -7.47 -0.82 -5.46
C PHE A 137 -7.60 0.67 -5.69
N ALA A 138 -7.89 1.41 -4.63
CA ALA A 138 -7.93 2.86 -4.67
C ALA A 138 -6.59 3.42 -4.20
N ALA A 139 -6.10 4.44 -4.90
CA ALA A 139 -4.90 5.15 -4.47
C ALA A 139 -5.10 5.69 -3.05
N GLY A 140 -4.05 5.62 -2.23
CA GLY A 140 -4.15 5.99 -0.84
C GLY A 140 -4.57 4.86 0.08
N ASN A 141 -4.83 3.67 -0.46
CA ASN A 141 -5.23 2.54 0.38
C ASN A 141 -4.09 2.08 1.27
N PHE A 142 -4.44 1.66 2.49
CA PHE A 142 -3.52 0.99 3.40
C PHE A 142 -4.23 -0.24 3.95
N TRP A 143 -3.59 -1.40 3.83
CA TRP A 143 -4.17 -2.59 4.46
C TRP A 143 -3.11 -3.55 4.98
N GLY A 144 -1.93 -3.05 5.31
CA GLY A 144 -0.87 -3.85 5.89
C GLY A 144 0.42 -3.72 5.11
N ARG A 145 1.43 -4.49 5.56
CA ARG A 145 2.79 -4.33 5.05
C ARG A 145 3.40 -5.62 4.53
N THR A 146 2.59 -6.63 4.22
CA THR A 146 3.13 -7.76 3.46
C THR A 146 3.57 -7.27 2.06
N LEU A 147 4.27 -8.15 1.34
CA LEU A 147 4.70 -7.80 -0.01
C LEU A 147 3.50 -7.53 -0.91
N SER A 148 2.41 -8.26 -0.73
CA SER A 148 1.24 -8.05 -1.59
C SER A 148 0.51 -6.77 -1.21
N ALA A 149 0.42 -6.49 0.10
CA ALA A 149 -0.23 -5.26 0.55
C ALA A 149 0.49 -4.01 0.03
N ILE A 150 1.83 -4.01 0.04
CA ILE A 150 2.53 -2.82 -0.43
C ILE A 150 2.59 -2.75 -1.96
N SER A 151 2.39 -3.87 -2.65
CA SER A 151 2.32 -3.82 -4.12
C SER A 151 1.10 -3.06 -4.61
N SER A 152 0.05 -2.97 -3.80
CA SER A 152 -1.14 -2.20 -4.17
C SER A 152 -1.07 -0.75 -3.71
N SER A 153 -0.01 -0.37 -2.99
CA SER A 153 0.09 0.93 -2.37
C SER A 153 0.69 1.95 -3.33
N THR A 154 0.24 3.20 -3.19
CA THR A 154 0.82 4.33 -3.92
C THR A 154 1.70 5.19 -3.04
N ASP A 155 1.99 4.75 -1.82
CA ASP A 155 2.87 5.51 -0.93
C ASP A 155 4.29 4.98 -1.06
N PRO A 156 5.23 5.76 -1.59
CA PRO A 156 6.60 5.24 -1.80
C PRO A 156 7.26 4.74 -0.52
N THR A 157 7.02 5.38 0.62
CA THR A 157 7.60 4.89 1.87
C THR A 157 7.20 3.45 2.15
N SER A 158 6.03 3.02 1.65
CA SER A 158 5.55 1.67 1.93
C SER A 158 6.20 0.64 1.00
N TYR A 159 6.45 0.99 -0.26
CA TYR A 159 6.89 -0.01 -1.22
C TYR A 159 8.30 0.19 -1.76
N ASP A 160 8.85 1.41 -1.69
CA ASP A 160 10.16 1.66 -2.29
C ASP A 160 11.22 0.77 -1.67
N GLY A 161 11.94 0.04 -2.51
CA GLY A 161 13.00 -0.83 -2.07
C GLY A 161 12.58 -2.25 -1.70
N PHE A 162 11.32 -2.60 -1.88
CA PHE A 162 10.91 -3.89 -1.36
C PHE A 162 10.68 -4.92 -2.47
N GLY A 163 11.65 -5.01 -3.39
CA GLY A 163 11.72 -6.07 -4.38
C GLY A 163 10.60 -5.96 -5.37
N PRO A 164 10.58 -6.86 -6.35
CA PRO A 164 9.52 -6.84 -7.37
C PRO A 164 8.16 -7.10 -6.72
N PHE A 165 7.12 -6.56 -7.36
CA PHE A 165 5.81 -6.45 -6.75
C PHE A 165 4.82 -7.44 -7.34
N MET A 166 3.75 -7.69 -6.60
CA MET A 166 2.74 -8.65 -7.02
C MET A 166 2.04 -8.17 -8.27
N PRO A 167 2.01 -8.96 -9.34
CA PRO A 167 1.25 -8.56 -10.54
C PRO A 167 -0.25 -8.74 -10.31
N GLY A 168 -1.02 -8.16 -11.22
CA GLY A 168 -2.46 -8.30 -11.18
C GLY A 168 -3.17 -7.31 -10.30
N PHE A 169 -2.47 -6.28 -9.82
CA PHE A 169 -3.06 -5.25 -8.98
C PHE A 169 -3.12 -3.96 -9.79
N ASP A 170 -4.31 -3.37 -9.87
CA ASP A 170 -4.50 -2.08 -10.52
C ASP A 170 -4.97 -1.06 -9.50
N ILE A 171 -4.64 0.20 -9.78
CA ILE A 171 -4.86 1.29 -8.84
C ILE A 171 -5.59 2.40 -9.57
N ILE A 172 -6.68 2.88 -8.98
CA ILE A 172 -7.46 3.99 -9.52
C ILE A 172 -7.58 5.03 -8.42
N PRO A 173 -7.92 6.27 -8.77
CA PRO A 173 -8.17 7.28 -7.73
C PRO A 173 -9.30 6.85 -6.81
N TYR A 174 -9.21 7.28 -5.56
CA TYR A 174 -10.28 7.12 -4.60
C TYR A 174 -11.41 8.08 -4.93
N ASN A 175 -12.61 7.75 -4.46
CA ASN A 175 -13.77 8.64 -4.57
C ASN A 175 -14.00 9.08 -6.02
N ASP A 176 -13.84 8.13 -6.95
CA ASP A 176 -13.89 8.41 -8.38
C ASP A 176 -14.66 7.28 -9.08
N LEU A 177 -15.96 7.50 -9.27
CA LEU A 177 -16.78 6.49 -9.93
C LEU A 177 -16.47 6.36 -11.41
N PRO A 178 -16.26 7.47 -12.17
CA PRO A 178 -15.84 7.29 -13.56
C PRO A 178 -14.57 6.47 -13.72
N ALA A 179 -13.61 6.60 -12.80
CA ALA A 179 -12.40 5.79 -12.88
C ALA A 179 -12.69 4.33 -12.64
N LEU A 180 -13.55 4.02 -11.68
CA LEU A 180 -13.91 2.62 -11.45
C LEU A 180 -14.61 2.04 -12.66
N GLU A 181 -15.54 2.80 -13.23
CA GLU A 181 -16.26 2.32 -14.41
C GLU A 181 -15.31 2.04 -15.57
N ARG A 182 -14.32 2.93 -15.78
CA ARG A 182 -13.33 2.68 -16.81
C ARG A 182 -12.53 1.42 -16.52
N ALA A 183 -12.15 1.21 -15.26
CA ALA A 183 -11.31 0.07 -14.92
C ALA A 183 -12.08 -1.24 -15.03
N LEU A 184 -13.38 -1.23 -14.73
CA LEU A 184 -14.20 -2.43 -14.79
C LEU A 184 -14.61 -2.79 -16.22
N GLN A 185 -14.07 -2.13 -17.24
CA GLN A 185 -14.26 -2.59 -18.61
C GLN A 185 -13.41 -3.83 -18.89
N ASP A 186 -12.34 -4.04 -18.15
CA ASP A 186 -11.52 -5.22 -18.31
C ASP A 186 -12.26 -6.44 -17.75
N PRO A 187 -12.65 -7.42 -18.57
CA PRO A 187 -13.37 -8.59 -18.04
C PRO A 187 -12.54 -9.48 -17.12
N ASN A 188 -11.23 -9.27 -17.04
CA ASN A 188 -10.39 -10.05 -16.13
C ASN A 188 -10.36 -9.50 -14.70
N VAL A 189 -11.03 -8.38 -14.42
CA VAL A 189 -11.11 -7.90 -13.04
C VAL A 189 -12.01 -8.84 -12.25
N ALA A 190 -11.49 -9.33 -11.12
CA ALA A 190 -12.28 -10.17 -10.23
C ALA A 190 -12.85 -9.41 -9.05
N ALA A 191 -12.25 -8.29 -8.65
CA ALA A 191 -12.70 -7.63 -7.42
C ALA A 191 -12.18 -6.21 -7.37
N PHE A 192 -12.88 -5.40 -6.58
CA PHE A 192 -12.45 -4.05 -6.21
C PHE A 192 -12.44 -3.99 -4.69
N MET A 193 -11.29 -3.70 -4.10
CA MET A 193 -11.13 -3.57 -2.66
C MET A 193 -10.96 -2.11 -2.31
N VAL A 194 -11.75 -1.64 -1.34
CA VAL A 194 -11.79 -0.22 -1.02
C VAL A 194 -12.16 -0.05 0.45
N GLU A 195 -11.63 1.01 1.07
CA GLU A 195 -12.00 1.45 2.41
C GLU A 195 -13.19 2.40 2.32
N PRO A 196 -14.24 2.20 3.13
CA PRO A 196 -15.34 3.17 3.12
C PRO A 196 -14.89 4.56 3.51
N ILE A 197 -13.92 4.65 4.42
CA ILE A 197 -13.18 5.87 4.73
C ILE A 197 -11.72 5.48 4.80
N GLN A 198 -10.87 6.16 4.04
CA GLN A 198 -9.46 5.81 4.02
C GLN A 198 -8.80 6.31 5.30
N GLY A 199 -8.31 5.38 6.11
CA GLY A 199 -7.74 5.72 7.40
C GLY A 199 -6.37 6.34 7.36
N GLU A 200 -5.34 5.55 7.02
CA GLU A 200 -3.97 6.05 7.07
C GLU A 200 -3.71 7.10 6.01
N ALA A 201 -4.55 7.20 4.97
CA ALA A 201 -4.40 8.28 4.02
C ALA A 201 -4.76 9.64 4.60
N GLY A 202 -5.36 9.67 5.80
CA GLY A 202 -5.69 10.93 6.45
C GLY A 202 -7.17 11.14 6.67
N VAL A 203 -7.90 10.05 6.95
CA VAL A 203 -9.34 10.09 7.13
C VAL A 203 -9.96 10.77 5.92
N VAL A 204 -9.79 10.16 4.76
CA VAL A 204 -10.33 10.70 3.51
C VAL A 204 -11.74 10.14 3.34
N VAL A 205 -12.73 10.99 3.55
CA VAL A 205 -14.14 10.60 3.47
C VAL A 205 -14.61 10.83 2.02
N PRO A 206 -15.11 9.80 1.34
CA PRO A 206 -15.59 9.99 -0.04
C PRO A 206 -16.92 10.74 -0.06
N ASP A 207 -17.29 11.18 -1.25
CA ASP A 207 -18.55 11.91 -1.43
C ASP A 207 -19.75 11.04 -1.09
N PRO A 208 -20.83 11.63 -0.58
CA PRO A 208 -22.09 10.87 -0.47
C PRO A 208 -22.47 10.24 -1.80
N GLY A 209 -22.85 8.96 -1.74
CA GLY A 209 -23.21 8.23 -2.93
C GLY A 209 -22.09 7.44 -3.57
N TYR A 210 -20.84 7.64 -3.12
CA TYR A 210 -19.73 6.90 -3.71
C TYR A 210 -19.91 5.39 -3.51
N LEU A 211 -20.20 4.98 -2.27
CA LEU A 211 -20.34 3.55 -1.96
C LEU A 211 -21.53 2.92 -2.68
N MET A 212 -22.63 3.67 -2.86
CA MET A 212 -23.73 3.14 -3.66
C MET A 212 -23.31 2.92 -5.11
N GLY A 213 -22.50 3.85 -5.65
CA GLY A 213 -22.06 3.71 -7.02
C GLY A 213 -21.04 2.61 -7.18
N VAL A 214 -20.17 2.43 -6.18
CA VAL A 214 -19.26 1.29 -6.20
C VAL A 214 -20.05 -0.02 -6.22
N ARG A 215 -21.06 -0.13 -5.33
CA ARG A 215 -21.88 -1.33 -5.28
C ARG A 215 -22.58 -1.58 -6.60
N GLU A 216 -23.15 -0.54 -7.21
CA GLU A 216 -23.83 -0.70 -8.49
C GLU A 216 -22.87 -1.10 -9.60
N LEU A 217 -21.73 -0.39 -9.71
CA LEU A 217 -20.79 -0.69 -10.79
C LEU A 217 -20.22 -2.10 -10.67
N CYS A 218 -19.83 -2.51 -9.45
CA CYS A 218 -19.33 -3.87 -9.22
C CYS A 218 -20.37 -4.92 -9.62
N THR A 219 -21.62 -4.71 -9.21
CA THR A 219 -22.70 -5.62 -9.59
C THR A 219 -22.92 -5.61 -11.10
N ARG A 220 -22.85 -4.43 -11.72
CA ARG A 220 -23.07 -4.32 -13.16
C ARG A 220 -22.06 -5.14 -13.94
N HIS A 221 -20.80 -5.16 -13.51
CA HIS A 221 -19.74 -5.82 -14.26
C HIS A 221 -19.30 -7.14 -13.62
N GLN A 222 -20.12 -7.71 -12.72
CA GLN A 222 -19.86 -8.98 -12.07
C GLN A 222 -18.47 -9.01 -11.45
N VAL A 223 -18.26 -8.07 -10.53
CA VAL A 223 -16.99 -7.89 -9.84
C VAL A 223 -17.29 -7.86 -8.35
N LEU A 224 -16.47 -8.56 -7.57
CA LEU A 224 -16.65 -8.61 -6.12
C LEU A 224 -16.34 -7.25 -5.49
N PHE A 225 -17.23 -6.79 -4.63
CA PHE A 225 -17.04 -5.58 -3.85
C PHE A 225 -16.48 -6.00 -2.49
N ILE A 226 -15.20 -5.76 -2.27
CA ILE A 226 -14.54 -6.05 -1.00
C ILE A 226 -14.46 -4.75 -0.21
N ALA A 227 -15.14 -4.71 0.93
CA ALA A 227 -15.11 -3.56 1.82
C ALA A 227 -14.15 -3.83 2.97
N ASP A 228 -13.10 -3.02 3.08
CA ASP A 228 -12.14 -3.13 4.17
C ASP A 228 -12.65 -2.28 5.33
N GLU A 229 -13.34 -2.92 6.28
CA GLU A 229 -13.85 -2.22 7.46
C GLU A 229 -12.98 -2.47 8.68
N ILE A 230 -11.70 -2.78 8.47
CA ILE A 230 -10.81 -3.11 9.58
C ILE A 230 -10.64 -1.92 10.50
N GLN A 231 -10.64 -0.71 9.96
CA GLN A 231 -10.56 0.49 10.79
C GLN A 231 -11.90 1.21 10.94
N THR A 232 -12.75 1.21 9.91
CA THR A 232 -14.01 1.96 9.94
C THR A 232 -15.15 1.21 10.61
N GLY A 233 -15.03 -0.11 10.76
CA GLY A 233 -16.13 -0.91 11.26
C GLY A 233 -16.25 -0.89 12.77
N LEU A 234 -17.20 -1.68 13.25
CA LEU A 234 -17.40 -1.90 14.69
C LEU A 234 -17.54 -0.59 15.44
N ALA A 235 -18.51 0.20 15.00
CA ALA A 235 -19.07 1.39 15.65
C ALA A 235 -18.18 2.62 15.54
N ARG A 236 -16.94 2.50 15.06
CA ARG A 236 -16.01 3.63 15.08
C ARG A 236 -16.57 4.86 14.36
N THR A 237 -17.23 4.67 13.22
CA THR A 237 -17.75 5.79 12.44
C THR A 237 -19.20 6.13 12.76
N GLY A 238 -19.79 5.48 13.75
CA GLY A 238 -21.18 5.73 14.10
C GLY A 238 -22.18 4.75 13.54
N ARG A 239 -21.73 3.65 12.95
CA ARG A 239 -22.57 2.55 12.50
C ARG A 239 -21.82 1.25 12.75
N TRP A 240 -22.55 0.13 12.73
CA TRP A 240 -21.89 -1.18 12.82
C TRP A 240 -20.83 -1.31 11.74
N LEU A 241 -21.13 -0.83 10.54
CA LEU A 241 -20.20 -0.76 9.42
C LEU A 241 -20.39 0.58 8.75
N ALA A 242 -19.29 1.19 8.31
CA ALA A 242 -19.39 2.48 7.62
C ALA A 242 -20.24 2.36 6.35
N VAL A 243 -20.28 1.18 5.73
CA VAL A 243 -21.13 1.01 4.55
C VAL A 243 -22.61 1.12 4.91
N ASP A 244 -22.97 1.02 6.20
CA ASP A 244 -24.38 1.15 6.58
C ASP A 244 -24.91 2.56 6.32
N TYR A 245 -24.04 3.58 6.31
CA TYR A 245 -24.49 4.94 6.04
C TYR A 245 -25.17 5.06 4.68
N GLU A 246 -24.86 4.16 3.74
CA GLU A 246 -25.52 4.16 2.44
C GLU A 246 -26.25 2.86 2.15
N ASN A 247 -26.39 2.00 3.16
CA ASN A 247 -27.17 0.77 3.03
C ASN A 247 -26.69 -0.10 1.87
N VAL A 248 -25.37 -0.19 1.71
CA VAL A 248 -24.79 -1.05 0.68
C VAL A 248 -24.31 -2.33 1.32
N ARG A 249 -24.48 -3.43 0.60
CA ARG A 249 -24.03 -4.73 1.11
C ARG A 249 -22.86 -5.22 0.27
N PRO A 250 -21.63 -5.14 0.78
CA PRO A 250 -20.48 -5.62 0.01
C PRO A 250 -20.53 -7.13 -0.17
N ASP A 251 -19.71 -7.62 -1.10
CA ASP A 251 -19.57 -9.06 -1.28
C ASP A 251 -18.66 -9.67 -0.24
N ILE A 252 -17.64 -8.93 0.21
CA ILE A 252 -16.71 -9.41 1.23
C ILE A 252 -16.46 -8.27 2.19
N VAL A 253 -16.61 -8.55 3.49
CA VAL A 253 -16.34 -7.58 4.54
C VAL A 253 -15.12 -8.05 5.31
N LEU A 254 -14.18 -7.15 5.54
CA LEU A 254 -13.00 -7.42 6.35
C LEU A 254 -13.16 -6.72 7.69
N LEU A 255 -13.02 -7.48 8.77
CA LEU A 255 -13.03 -6.93 10.12
C LEU A 255 -11.72 -7.28 10.81
N GLY A 256 -11.30 -6.37 11.71
CA GLY A 256 -10.13 -6.60 12.53
C GLY A 256 -10.04 -5.60 13.67
N LYS A 257 -8.81 -5.35 14.12
CA LYS A 257 -8.47 -4.36 15.14
C LYS A 257 -9.41 -4.38 16.34
N ALA A 258 -10.47 -3.58 16.33
CA ALA A 258 -11.38 -3.52 17.47
C ALA A 258 -12.18 -4.80 17.68
N LEU A 259 -12.07 -5.77 16.76
CA LEU A 259 -12.76 -7.05 16.93
C LEU A 259 -12.39 -7.74 18.24
N SER A 260 -11.31 -7.32 18.88
CA SER A 260 -10.88 -7.90 20.14
C SER A 260 -10.76 -6.88 21.25
N GLY A 261 -11.11 -5.63 21.01
CA GLY A 261 -10.86 -4.61 22.02
C GLY A 261 -9.39 -4.41 22.32
N GLY A 262 -8.50 -4.86 21.44
CA GLY A 262 -7.08 -4.70 21.65
C GLY A 262 -6.44 -5.74 22.54
N LEU A 263 -7.16 -6.80 22.88
CA LEU A 263 -6.67 -7.83 23.80
C LEU A 263 -6.03 -9.02 23.09
N TYR A 264 -6.19 -9.14 21.77
CA TYR A 264 -5.74 -10.31 21.02
C TYR A 264 -5.84 -9.99 19.53
N PRO A 265 -4.89 -10.45 18.72
CA PRO A 265 -5.01 -10.20 17.27
C PRO A 265 -6.04 -11.11 16.64
N VAL A 266 -7.23 -10.57 16.36
CA VAL A 266 -8.30 -11.30 15.72
C VAL A 266 -8.77 -10.50 14.51
N SER A 267 -8.91 -11.18 13.37
CA SER A 267 -9.49 -10.57 12.18
C SER A 267 -10.45 -11.56 11.56
N ALA A 268 -11.29 -11.07 10.65
CA ALA A 268 -12.33 -11.93 10.08
C ALA A 268 -12.61 -11.52 8.63
N VAL A 269 -12.95 -12.53 7.83
CA VAL A 269 -13.41 -12.34 6.46
C VAL A 269 -14.80 -12.93 6.37
N LEU A 270 -15.78 -12.10 6.02
CA LEU A 270 -17.18 -12.51 5.94
C LEU A 270 -17.66 -12.45 4.49
N CYS A 271 -18.32 -13.52 4.04
CA CYS A 271 -18.95 -13.54 2.72
C CYS A 271 -19.87 -14.75 2.66
N ASP A 272 -20.69 -14.80 1.61
CA ASP A 272 -21.66 -15.87 1.43
C ASP A 272 -20.98 -17.12 0.85
N ASP A 273 -21.74 -18.23 0.86
CA ASP A 273 -21.21 -19.54 0.50
C ASP A 273 -20.57 -19.54 -0.89
N ASP A 274 -21.21 -18.90 -1.88
CA ASP A 274 -20.72 -18.98 -3.24
C ASP A 274 -19.31 -18.39 -3.39
N ILE A 275 -18.92 -17.49 -2.50
CA ILE A 275 -17.56 -16.97 -2.48
C ILE A 275 -16.68 -17.78 -1.53
N MET A 276 -17.15 -17.95 -0.29
CA MET A 276 -16.34 -18.59 0.74
C MET A 276 -15.95 -20.01 0.34
N LEU A 277 -16.87 -20.75 -0.29
CA LEU A 277 -16.61 -22.16 -0.56
C LEU A 277 -15.74 -22.41 -1.78
N THR A 278 -15.29 -21.36 -2.47
CA THR A 278 -14.31 -21.57 -3.53
C THR A 278 -12.97 -22.06 -2.96
N ILE A 279 -12.74 -21.88 -1.67
CA ILE A 279 -11.53 -22.34 -1.01
C ILE A 279 -11.82 -23.67 -0.32
N LYS A 280 -11.13 -24.71 -0.71
CA LYS A 280 -11.40 -26.08 -0.30
C LYS A 280 -10.49 -26.45 0.86
N PRO A 281 -10.80 -27.53 1.58
CA PRO A 281 -9.97 -27.91 2.73
C PRO A 281 -8.51 -28.10 2.33
N GLY A 282 -7.63 -27.49 3.12
CA GLY A 282 -6.20 -27.54 2.87
C GLY A 282 -5.63 -26.42 2.03
N GLU A 283 -6.48 -25.53 1.50
CA GLU A 283 -6.02 -24.51 0.55
C GLU A 283 -5.81 -23.14 1.17
N HIS A 284 -6.10 -22.97 2.47
CA HIS A 284 -5.83 -21.73 3.17
C HIS A 284 -5.85 -22.02 4.66
N GLY A 285 -5.11 -21.21 5.42
CA GLY A 285 -5.14 -21.35 6.86
C GLY A 285 -4.11 -20.47 7.54
N SER A 286 -3.94 -20.73 8.84
CA SER A 286 -3.06 -19.99 9.72
C SER A 286 -3.06 -20.68 11.07
N THR A 287 -1.88 -20.73 11.71
CA THR A 287 -1.75 -21.51 12.94
C THR A 287 -2.71 -21.03 14.02
N TYR A 288 -2.69 -19.74 14.32
CA TYR A 288 -3.48 -19.17 15.41
C TYR A 288 -4.88 -18.74 14.98
N GLY A 289 -5.19 -18.80 13.68
CA GLY A 289 -6.51 -18.43 13.21
C GLY A 289 -7.63 -19.24 13.83
N GLY A 290 -8.59 -18.56 14.45
CA GLY A 290 -9.73 -19.22 15.04
C GLY A 290 -9.47 -19.91 16.37
N ASN A 291 -8.36 -19.59 17.04
CA ASN A 291 -8.03 -20.23 18.31
C ASN A 291 -9.08 -19.86 19.36
N PRO A 292 -9.29 -20.72 20.36
CA PRO A 292 -10.39 -20.47 21.31
C PRO A 292 -10.19 -19.24 22.17
N LEU A 293 -8.94 -18.85 22.43
CA LEU A 293 -8.71 -17.65 23.24
C LEU A 293 -9.17 -16.39 22.52
N GLY A 294 -8.73 -16.20 21.27
CA GLY A 294 -9.14 -15.01 20.54
C GLY A 294 -10.63 -14.97 20.25
N CYS A 295 -11.25 -16.14 20.04
CA CYS A 295 -12.70 -16.21 19.80
C CYS A 295 -13.48 -15.69 20.99
N ARG A 296 -13.08 -16.10 22.20
CA ARG A 296 -13.79 -15.69 23.40
C ARG A 296 -13.75 -14.18 23.56
N VAL A 297 -12.57 -13.57 23.38
CA VAL A 297 -12.49 -12.12 23.54
C VAL A 297 -13.23 -11.42 22.40
N ALA A 298 -13.27 -12.03 21.22
CA ALA A 298 -13.98 -11.40 20.10
C ALA A 298 -15.48 -11.39 20.34
N ILE A 299 -16.03 -12.48 20.90
CA ILE A 299 -17.44 -12.47 21.29
C ILE A 299 -17.70 -11.36 22.30
N ALA A 300 -16.87 -11.28 23.34
CA ALA A 300 -17.08 -10.26 24.37
C ALA A 300 -16.92 -8.86 23.79
N ALA A 301 -15.93 -8.69 22.89
CA ALA A 301 -15.71 -7.39 22.28
C ALA A 301 -16.91 -6.93 21.47
N LEU A 302 -17.49 -7.85 20.68
CA LEU A 302 -18.69 -7.51 19.91
C LEU A 302 -19.88 -7.25 20.83
N GLU A 303 -20.00 -8.02 21.92
CA GLU A 303 -21.09 -7.80 22.86
C GLU A 303 -21.00 -6.41 23.49
N VAL A 304 -19.78 -5.95 23.81
CA VAL A 304 -19.63 -4.62 24.40
C VAL A 304 -20.16 -3.55 23.46
N LEU A 305 -19.82 -3.64 22.17
CA LEU A 305 -20.27 -2.65 21.20
C LEU A 305 -21.79 -2.57 21.14
N GLU A 306 -22.47 -3.72 21.27
CA GLU A 306 -23.92 -3.76 21.22
C GLU A 306 -24.54 -3.30 22.54
N GLU A 307 -24.10 -3.89 23.65
CA GLU A 307 -24.71 -3.58 24.95
C GLU A 307 -24.56 -2.12 25.32
N GLU A 308 -23.40 -1.52 25.05
CA GLU A 308 -23.16 -0.14 25.44
C GLU A 308 -23.52 0.85 24.34
N ASN A 309 -24.11 0.38 23.24
CA ASN A 309 -24.59 1.22 22.14
C ASN A 309 -23.54 2.26 21.73
N LEU A 310 -22.33 1.77 21.53
CA LEU A 310 -21.21 2.65 21.21
C LEU A 310 -21.36 3.30 19.84
N ALA A 311 -22.03 2.65 18.89
CA ALA A 311 -22.18 3.24 17.56
C ALA A 311 -22.91 4.58 17.62
N GLU A 312 -24.04 4.62 18.33
CA GLU A 312 -24.78 5.88 18.42
C GLU A 312 -24.08 6.89 19.32
N ASN A 313 -23.27 6.44 20.29
CA ASN A 313 -22.43 7.38 21.02
C ASN A 313 -21.39 8.02 20.12
N ALA A 314 -20.75 7.21 19.26
CA ALA A 314 -19.74 7.74 18.33
C ALA A 314 -20.36 8.72 17.35
N ASP A 315 -21.56 8.39 16.83
CA ASP A 315 -22.24 9.29 15.92
C ASP A 315 -22.53 10.63 16.58
N LYS A 316 -23.15 10.61 17.76
CA LYS A 316 -23.56 11.83 18.43
C LYS A 316 -22.35 12.68 18.85
N LEU A 317 -21.36 12.04 19.49
CA LEU A 317 -20.19 12.80 19.96
C LEU A 317 -19.32 13.25 18.80
N GLY A 318 -19.27 12.47 17.72
CA GLY A 318 -18.53 12.91 16.54
C GLY A 318 -19.05 14.22 15.98
N ILE A 319 -20.38 14.39 15.98
CA ILE A 319 -20.97 15.64 15.50
C ILE A 319 -20.51 16.80 16.37
N ILE A 320 -20.52 16.62 17.69
CA ILE A 320 -20.03 17.64 18.60
C ILE A 320 -18.56 17.95 18.32
N LEU A 321 -17.74 16.89 18.18
CA LEU A 321 -16.31 17.09 17.97
C LEU A 321 -16.03 17.92 16.72
N ARG A 322 -16.61 17.52 15.58
CA ARG A 322 -16.36 18.24 14.33
C ARG A 322 -16.89 19.67 14.38
N ASN A 323 -18.08 19.86 14.97
CA ASN A 323 -18.64 21.20 15.08
C ASN A 323 -17.73 22.13 15.87
N GLU A 324 -17.20 21.65 16.99
CA GLU A 324 -16.31 22.46 17.80
C GLU A 324 -14.98 22.73 17.09
N LEU A 325 -14.42 21.69 16.45
CA LEU A 325 -13.14 21.88 15.77
C LEU A 325 -13.26 22.84 14.59
N MET A 326 -14.46 22.98 14.02
CA MET A 326 -14.64 23.93 12.92
C MET A 326 -14.70 25.37 13.38
N LYS A 327 -14.78 25.60 14.69
CA LYS A 327 -14.66 26.95 15.23
C LYS A 327 -13.22 27.45 15.27
N LEU A 328 -12.24 26.58 15.08
CA LEU A 328 -10.86 27.03 15.05
C LEU A 328 -10.62 27.88 13.80
N PRO A 329 -9.65 28.79 13.84
CA PRO A 329 -9.48 29.72 12.71
C PRO A 329 -9.19 28.99 11.41
N SER A 330 -9.85 29.45 10.35
CA SER A 330 -9.85 28.73 9.07
C SER A 330 -8.47 28.65 8.44
N ASP A 331 -7.61 29.65 8.67
CA ASP A 331 -6.30 29.63 8.04
C ASP A 331 -5.22 29.06 8.95
N VAL A 332 -5.62 28.36 10.00
CA VAL A 332 -4.71 27.57 10.83
C VAL A 332 -5.13 26.10 10.82
N VAL A 333 -6.43 25.84 10.94
CA VAL A 333 -7.03 24.53 10.69
C VAL A 333 -7.79 24.66 9.38
N THR A 334 -7.22 24.17 8.29
CA THR A 334 -7.80 24.42 6.97
C THR A 334 -8.96 23.48 6.65
N ALA A 335 -9.09 22.35 7.34
CA ALA A 335 -10.19 21.43 7.06
C ALA A 335 -10.42 20.53 8.27
N VAL A 336 -11.68 20.18 8.47
CA VAL A 336 -12.11 19.20 9.46
C VAL A 336 -12.98 18.17 8.76
N ARG A 337 -12.67 16.90 8.95
CA ARG A 337 -13.44 15.87 8.26
C ARG A 337 -13.52 14.61 9.10
N GLY A 338 -14.49 13.77 8.79
CA GLY A 338 -14.64 12.49 9.44
C GLY A 338 -16.09 12.08 9.57
N LYS A 339 -16.29 10.88 10.10
CA LYS A 339 -17.59 10.33 10.45
C LYS A 339 -17.47 9.65 11.80
N GLY A 340 -18.52 9.74 12.60
CA GLY A 340 -18.44 9.22 13.95
C GLY A 340 -17.22 9.77 14.68
N LEU A 341 -16.49 8.88 15.36
CA LEU A 341 -15.29 9.26 16.10
C LEU A 341 -14.01 8.89 15.36
N LEU A 342 -14.06 8.86 14.03
CA LEU A 342 -12.88 8.80 13.16
C LEU A 342 -12.79 10.15 12.44
N ASN A 343 -11.91 11.03 12.91
CA ASN A 343 -11.87 12.38 12.38
C ASN A 343 -10.42 12.82 12.21
N ALA A 344 -10.24 13.90 11.45
CA ALA A 344 -8.92 14.46 11.23
C ALA A 344 -9.04 15.96 10.96
N ILE A 345 -7.98 16.68 11.28
CA ILE A 345 -7.86 18.09 10.91
C ILE A 345 -6.64 18.24 10.02
N VAL A 346 -6.68 19.22 9.13
CA VAL A 346 -5.58 19.52 8.23
C VAL A 346 -4.94 20.82 8.68
N ILE A 347 -3.62 20.78 8.87
CA ILE A 347 -2.83 21.89 9.40
C ILE A 347 -2.40 22.80 8.26
N LYS A 348 -2.51 24.11 8.47
CA LYS A 348 -1.88 25.10 7.60
C LYS A 348 -0.37 25.04 7.84
N GLU A 349 0.26 24.05 7.21
CA GLU A 349 1.66 23.77 7.51
C GLU A 349 2.56 24.85 6.91
N THR A 350 3.33 25.49 7.79
CA THR A 350 4.44 26.37 7.45
C THR A 350 5.73 25.60 7.74
N LYS A 351 6.77 26.31 8.15
CA LYS A 351 7.95 25.70 8.75
C LYS A 351 8.18 26.30 10.13
N ASP A 352 7.29 27.17 10.60
CA ASP A 352 7.22 27.50 12.02
C ASP A 352 6.51 26.42 12.83
N TRP A 353 5.87 25.46 12.16
CA TRP A 353 5.22 24.34 12.84
C TRP A 353 4.82 23.29 11.81
N ASP A 354 4.54 22.09 12.30
CA ASP A 354 3.95 21.04 11.50
C ASP A 354 3.12 20.14 12.42
N ALA A 355 2.54 19.08 11.84
CA ALA A 355 1.67 18.21 12.61
C ALA A 355 2.42 17.49 13.73
N TRP A 356 3.70 17.17 13.51
CA TRP A 356 4.48 16.51 14.54
C TRP A 356 4.70 17.42 15.75
N LYS A 357 5.01 18.70 15.52
CA LYS A 357 5.19 19.63 16.62
C LYS A 357 3.89 19.83 17.41
N VAL A 358 2.76 19.88 16.71
CA VAL A 358 1.47 20.03 17.39
C VAL A 358 1.21 18.84 18.30
N CYS A 359 1.49 17.63 17.80
CA CYS A 359 1.26 16.44 18.62
C CYS A 359 2.19 16.39 19.82
N LEU A 360 3.41 16.91 19.69
CA LEU A 360 4.29 16.99 20.85
C LEU A 360 3.69 17.90 21.92
N ARG A 361 3.10 19.03 21.51
CA ARG A 361 2.49 19.93 22.48
C ARG A 361 1.13 19.43 22.93
N LEU A 362 0.40 18.73 22.08
CA LEU A 362 -0.80 18.03 22.54
C LEU A 362 -0.45 17.08 23.69
N ARG A 363 0.66 16.34 23.52
CA ARG A 363 1.12 15.43 24.56
C ARG A 363 1.47 16.18 25.83
N ASP A 364 2.21 17.30 25.70
CA ASP A 364 2.53 18.13 26.86
C ASP A 364 1.27 18.59 27.59
N ASN A 365 0.17 18.77 26.87
CA ASN A 365 -1.10 19.23 27.46
C ASN A 365 -2.05 18.08 27.77
N GLY A 366 -1.60 16.83 27.68
CA GLY A 366 -2.39 15.71 28.18
C GLY A 366 -3.26 15.00 27.18
N LEU A 367 -2.95 15.07 25.88
CA LEU A 367 -3.74 14.39 24.87
C LEU A 367 -2.78 13.78 23.85
N LEU A 368 -2.95 12.48 23.58
CA LEU A 368 -2.05 11.74 22.70
C LEU A 368 -2.70 11.56 21.33
N ALA A 369 -2.08 12.13 20.31
CA ALA A 369 -2.54 12.00 18.94
C ALA A 369 -1.32 11.78 18.06
N LYS A 370 -1.57 11.26 16.86
CA LYS A 370 -0.47 11.03 15.94
C LYS A 370 -0.74 11.71 14.61
N PRO A 371 0.26 12.35 14.01
CA PRO A 371 0.10 12.84 12.64
C PRO A 371 0.24 11.71 11.64
N THR A 372 -0.36 11.91 10.47
CA THR A 372 -0.24 10.93 9.41
C THR A 372 0.42 11.46 8.14
N HIS A 373 0.62 12.77 7.99
CA HIS A 373 1.22 13.28 6.76
C HIS A 373 2.00 14.58 6.90
N GLY A 374 2.26 15.08 8.10
CA GLY A 374 2.93 16.35 8.25
C GLY A 374 2.00 17.53 8.36
N ASP A 375 0.84 17.48 7.72
CA ASP A 375 -0.18 18.52 7.88
C ASP A 375 -1.53 17.97 8.29
N ILE A 376 -1.61 16.71 8.71
CA ILE A 376 -2.87 16.07 9.07
C ILE A 376 -2.72 15.44 10.44
N ILE A 377 -3.69 15.67 11.32
CA ILE A 377 -3.72 15.06 12.64
C ILE A 377 -5.03 14.30 12.78
N ARG A 378 -4.94 13.03 13.16
CA ARG A 378 -6.12 12.21 13.39
C ARG A 378 -6.57 12.31 14.84
N PHE A 379 -7.88 12.43 15.03
CA PHE A 379 -8.49 12.42 16.36
C PHE A 379 -9.47 11.26 16.42
N ALA A 380 -9.13 10.21 17.17
CA ALA A 380 -9.93 8.99 17.23
C ALA A 380 -9.87 8.44 18.65
N PRO A 381 -10.66 8.99 19.56
CA PRO A 381 -10.66 8.49 20.95
C PRO A 381 -11.54 7.27 21.07
N PRO A 382 -11.40 6.49 22.15
CA PRO A 382 -12.28 5.32 22.31
C PRO A 382 -13.74 5.74 22.38
N LEU A 383 -14.60 4.85 21.91
CA LEU A 383 -16.03 5.17 21.76
C LEU A 383 -16.78 5.17 23.09
N VAL A 384 -16.13 4.79 24.19
CA VAL A 384 -16.72 4.88 25.51
C VAL A 384 -16.52 6.27 26.09
N ILE A 385 -16.00 7.20 25.28
CA ILE A 385 -15.79 8.55 25.80
C ILE A 385 -17.14 9.21 26.02
N LYS A 386 -17.25 10.00 27.08
CA LYS A 386 -18.46 10.74 27.38
C LYS A 386 -18.34 12.19 26.92
N GLU A 387 -19.49 12.86 26.88
CA GLU A 387 -19.54 14.20 26.33
C GLU A 387 -18.66 15.16 27.11
N ASP A 388 -18.70 15.13 28.44
CA ASP A 388 -17.89 16.06 29.20
C ASP A 388 -16.40 15.75 29.04
N GLU A 389 -16.04 14.47 28.98
CA GLU A 389 -14.65 14.12 28.70
C GLU A 389 -14.24 14.61 27.33
N LEU A 390 -15.12 14.46 26.34
CA LEU A 390 -14.84 14.94 24.99
C LEU A 390 -14.66 16.47 24.97
N ARG A 391 -15.48 17.19 25.72
CA ARG A 391 -15.36 18.64 25.72
C ARG A 391 -14.08 19.12 26.39
N GLU A 392 -13.63 18.43 27.44
CA GLU A 392 -12.32 18.75 27.99
C GLU A 392 -11.21 18.46 26.97
N SER A 393 -11.32 17.34 26.25
CA SER A 393 -10.37 17.04 25.19
C SER A 393 -10.33 18.14 24.16
N ILE A 394 -11.50 18.67 23.79
CA ILE A 394 -11.57 19.71 22.78
C ILE A 394 -10.83 20.96 23.25
N GLU A 395 -10.98 21.31 24.53
CA GLU A 395 -10.31 22.50 25.03
C GLU A 395 -8.80 22.30 25.15
N ILE A 396 -8.36 21.05 25.31
CA ILE A 396 -6.92 20.77 25.19
C ILE A 396 -6.46 21.05 23.77
N ILE A 397 -7.22 20.57 22.78
CA ILE A 397 -6.89 20.81 21.39
C ILE A 397 -6.90 22.30 21.08
N ASN A 398 -7.97 23.00 21.52
CA ASN A 398 -8.06 24.44 21.31
C ASN A 398 -6.85 25.16 21.92
N LYS A 399 -6.53 24.87 23.18
CA LYS A 399 -5.38 25.49 23.82
C LYS A 399 -4.08 25.20 23.05
N THR A 400 -3.92 23.96 22.56
CA THR A 400 -2.68 23.62 21.87
C THR A 400 -2.58 24.35 20.54
N ILE A 401 -3.63 24.29 19.72
CA ILE A 401 -3.59 24.89 18.39
C ILE A 401 -3.35 26.38 18.49
N LEU A 402 -4.05 27.04 19.41
CA LEU A 402 -3.96 28.49 19.55
C LEU A 402 -2.72 28.96 20.28
N SER A 403 -1.83 28.05 20.67
CA SER A 403 -0.61 28.41 21.39
C SER A 403 0.58 28.63 20.46
N PHE A 404 0.43 28.41 19.16
CA PHE A 404 1.54 28.61 18.23
C PHE A 404 1.49 30.01 17.62
N PRO B 3 -24.02 -30.24 24.53
CA PRO B 3 -23.32 -29.83 23.30
C PRO B 3 -22.27 -30.89 22.90
N THR B 4 -22.65 -31.75 21.95
CA THR B 4 -21.84 -32.91 21.64
C THR B 4 -20.74 -32.57 20.63
N SER B 5 -19.80 -33.50 20.48
CA SER B 5 -18.79 -33.38 19.43
C SER B 5 -19.45 -33.23 18.07
N ASP B 6 -20.50 -34.01 17.81
CA ASP B 6 -21.18 -33.93 16.52
C ASP B 6 -21.86 -32.57 16.32
N ASP B 7 -22.45 -32.01 17.38
CA ASP B 7 -23.00 -30.67 17.29
C ASP B 7 -21.89 -29.65 16.95
N ILE B 8 -20.71 -29.83 17.53
CA ILE B 8 -19.60 -28.91 17.29
C ILE B 8 -19.16 -28.96 15.83
N PHE B 9 -19.03 -30.19 15.29
CA PHE B 9 -18.69 -30.35 13.87
C PHE B 9 -19.70 -29.63 12.98
N GLU B 10 -20.99 -29.84 13.24
CA GLU B 10 -22.02 -29.31 12.33
C GLU B 10 -22.12 -27.80 12.40
N ARG B 11 -21.92 -27.21 13.59
CA ARG B 11 -22.00 -25.76 13.70
C ARG B 11 -20.92 -25.09 12.88
N GLU B 12 -19.69 -25.63 12.92
CA GLU B 12 -18.60 -25.07 12.12
C GLU B 12 -18.84 -25.29 10.63
N TYR B 13 -19.39 -26.44 10.26
CA TYR B 13 -19.71 -26.73 8.87
C TYR B 13 -20.64 -25.69 8.26
N LYS B 14 -21.56 -25.14 9.06
CA LYS B 14 -22.52 -24.17 8.56
C LYS B 14 -21.98 -22.74 8.56
N TYR B 15 -21.30 -22.32 9.63
CA TYR B 15 -20.97 -20.92 9.80
C TYR B 15 -19.50 -20.59 9.57
N GLY B 16 -18.63 -21.59 9.41
CA GLY B 16 -17.21 -21.37 9.22
C GLY B 16 -16.76 -21.78 7.84
N ALA B 17 -15.70 -21.15 7.35
CA ALA B 17 -15.13 -21.54 6.06
C ALA B 17 -14.61 -22.97 6.12
N HIS B 18 -14.58 -23.61 4.95
CA HIS B 18 -14.12 -24.99 4.83
C HIS B 18 -12.66 -25.07 4.40
N ASN B 19 -11.80 -24.18 4.92
CA ASN B 19 -10.41 -24.21 4.49
C ASN B 19 -9.59 -25.26 5.22
N TYR B 20 -10.15 -25.92 6.23
CA TYR B 20 -9.48 -27.00 6.93
C TYR B 20 -10.34 -28.26 6.86
N HIS B 21 -9.67 -29.42 6.86
CA HIS B 21 -10.31 -30.71 7.11
C HIS B 21 -9.69 -31.29 8.37
N PRO B 22 -10.29 -31.04 9.53
CA PRO B 22 -9.65 -31.45 10.79
C PRO B 22 -9.94 -32.90 11.13
N LEU B 23 -9.08 -33.45 11.99
CA LEU B 23 -9.36 -34.74 12.59
C LEU B 23 -10.63 -34.63 13.44
N PRO B 24 -11.60 -35.54 13.27
CA PRO B 24 -12.86 -35.42 14.02
C PRO B 24 -12.70 -35.61 15.52
N VAL B 25 -12.33 -34.53 16.21
CA VAL B 25 -12.25 -34.53 17.67
C VAL B 25 -12.47 -33.09 18.12
N ALA B 26 -13.17 -32.91 19.24
CA ALA B 26 -13.64 -31.58 19.65
C ALA B 26 -13.17 -31.31 21.07
N LEU B 27 -12.04 -30.62 21.20
CA LEU B 27 -11.45 -30.37 22.50
C LEU B 27 -12.11 -29.17 23.18
N GLU B 28 -12.10 -29.19 24.50
CA GLU B 28 -12.55 -28.04 25.27
C GLU B 28 -11.60 -27.68 26.40
N ARG B 29 -10.60 -28.52 26.70
CA ARG B 29 -9.69 -28.26 27.79
C ARG B 29 -8.33 -28.88 27.46
N GLY B 30 -7.27 -28.21 27.88
CA GLY B 30 -5.93 -28.73 27.71
C GLY B 30 -5.03 -28.35 28.87
N LYS B 31 -4.12 -29.26 29.24
CA LYS B 31 -3.20 -29.01 30.34
C LYS B 31 -1.95 -29.85 30.14
N GLY B 32 -0.80 -29.19 29.99
CA GLY B 32 0.44 -29.90 29.74
C GLY B 32 0.41 -30.68 28.44
N ILE B 33 0.56 -32.01 28.55
CA ILE B 33 0.56 -32.88 27.37
C ILE B 33 -0.82 -33.39 27.01
N TYR B 34 -1.85 -33.09 27.80
CA TYR B 34 -3.14 -33.72 27.67
C TYR B 34 -4.20 -32.77 27.12
N LEU B 35 -5.13 -33.34 26.37
CA LEU B 35 -6.31 -32.64 25.89
C LEU B 35 -7.55 -33.45 26.24
N TRP B 36 -8.67 -32.76 26.47
CA TRP B 36 -9.94 -33.40 26.78
C TRP B 36 -11.02 -32.92 25.82
N ASP B 37 -11.81 -33.86 25.29
CA ASP B 37 -12.89 -33.46 24.41
C ASP B 37 -14.16 -33.20 25.24
N VAL B 38 -15.22 -32.77 24.56
CA VAL B 38 -16.40 -32.31 25.28
C VAL B 38 -17.14 -33.45 25.99
N GLU B 39 -16.90 -34.69 25.57
CA GLU B 39 -17.41 -35.86 26.28
C GLU B 39 -16.53 -36.27 27.46
N GLY B 40 -15.39 -35.60 27.66
CA GLY B 40 -14.53 -35.90 28.78
C GLY B 40 -13.40 -36.87 28.50
N ARG B 41 -13.24 -37.32 27.26
CA ARG B 41 -12.17 -38.24 26.92
C ARG B 41 -10.81 -37.53 26.98
N LYS B 42 -9.79 -38.25 27.46
CA LYS B 42 -8.44 -37.71 27.57
C LYS B 42 -7.57 -38.23 26.42
N TYR B 43 -6.73 -37.36 25.88
CA TYR B 43 -5.84 -37.72 24.78
C TYR B 43 -4.46 -37.17 25.04
N PHE B 44 -3.45 -37.91 24.59
CA PHE B 44 -2.10 -37.35 24.44
C PHE B 44 -2.10 -36.43 23.22
N ASP B 45 -1.58 -35.22 23.38
CA ASP B 45 -1.39 -34.30 22.26
C ASP B 45 -0.02 -34.59 21.66
N PHE B 46 0.00 -35.16 20.45
CA PHE B 46 1.23 -35.38 19.72
C PHE B 46 1.32 -34.51 18.49
N LEU B 47 0.61 -33.38 18.48
CA LEU B 47 0.77 -32.34 17.48
C LEU B 47 1.34 -31.05 18.06
N SER B 48 1.02 -30.75 19.32
CA SER B 48 1.47 -29.53 19.98
C SER B 48 1.11 -28.28 19.20
N SER B 49 -0.03 -28.31 18.50
CA SER B 49 -0.49 -27.21 17.66
C SER B 49 0.64 -26.71 16.74
N TYR B 50 1.22 -27.65 15.99
CA TYR B 50 2.33 -27.37 15.08
C TYR B 50 3.53 -26.82 15.85
N SER B 51 3.77 -27.37 17.04
CA SER B 51 4.91 -27.01 17.88
C SER B 51 4.76 -25.61 18.49
N ALA B 52 3.53 -25.17 18.72
CA ALA B 52 3.30 -23.89 19.37
C ALA B 52 3.12 -24.02 20.88
N VAL B 53 2.77 -25.20 21.40
CA VAL B 53 2.70 -25.40 22.85
C VAL B 53 3.82 -26.34 23.27
N ASN B 54 5.07 -25.98 22.91
CA ASN B 54 6.24 -26.69 23.43
C ASN B 54 6.19 -26.78 24.95
N GLN B 55 5.71 -25.72 25.61
CA GLN B 55 5.67 -25.63 27.06
C GLN B 55 4.47 -26.36 27.67
N GLY B 56 3.69 -27.07 26.86
CA GLY B 56 2.47 -27.68 27.32
C GLY B 56 1.33 -26.68 27.36
N HIS B 57 0.10 -27.22 27.26
CA HIS B 57 -1.09 -26.37 27.26
C HIS B 57 -1.26 -25.67 28.60
N CYS B 58 -1.60 -24.38 28.53
CA CYS B 58 -1.93 -23.57 29.70
C CYS B 58 -0.86 -23.67 30.79
N HIS B 59 0.38 -23.38 30.41
CA HIS B 59 1.46 -23.39 31.40
C HIS B 59 1.23 -22.28 32.42
N PRO B 60 1.27 -22.59 33.72
CA PRO B 60 0.87 -21.60 34.74
C PRO B 60 1.68 -20.32 34.72
N LYS B 61 2.98 -20.41 34.47
CA LYS B 61 3.80 -19.20 34.45
C LYS B 61 3.42 -18.29 33.29
N ILE B 62 3.12 -18.86 32.13
CA ILE B 62 2.71 -18.06 30.99
C ILE B 62 1.29 -17.54 31.19
N VAL B 63 0.42 -18.37 31.77
CA VAL B 63 -0.93 -17.91 32.11
C VAL B 63 -0.85 -16.75 33.09
N ASN B 64 -0.02 -16.88 34.12
CA ASN B 64 0.14 -15.81 35.10
C ASN B 64 0.64 -14.53 34.45
N ALA B 65 1.61 -14.63 33.55
CA ALA B 65 2.09 -13.43 32.86
C ALA B 65 0.96 -12.75 32.10
N LEU B 66 0.14 -13.52 31.38
CA LEU B 66 -0.97 -12.92 30.65
C LEU B 66 -1.97 -12.26 31.60
N LYS B 67 -2.36 -12.97 32.66
CA LYS B 67 -3.34 -12.43 33.60
C LYS B 67 -2.83 -11.20 34.32
N SER B 68 -1.52 -11.14 34.61
CA SER B 68 -0.98 -9.96 35.27
C SER B 68 -1.01 -8.74 34.35
N GLN B 69 -0.65 -8.92 33.07
CA GLN B 69 -0.52 -7.77 32.18
C GLN B 69 -1.86 -7.28 31.64
N VAL B 70 -2.83 -8.18 31.45
CA VAL B 70 -4.10 -7.80 30.82
C VAL B 70 -4.85 -6.76 31.65
N ASP B 71 -4.57 -6.65 32.95
CA ASP B 71 -5.22 -5.66 33.79
C ASP B 71 -4.58 -4.28 33.70
N LYS B 72 -3.35 -4.17 33.18
CA LYS B 72 -2.63 -2.90 33.14
C LYS B 72 -2.72 -2.22 31.78
N LEU B 73 -2.34 -2.93 30.71
CA LEU B 73 -2.21 -2.33 29.40
C LEU B 73 -1.98 -3.44 28.38
N THR B 74 -2.79 -3.49 27.31
CA THR B 74 -2.62 -4.55 26.33
C THR B 74 -2.18 -4.06 24.95
N LEU B 75 -2.41 -2.80 24.60
CA LEU B 75 -2.15 -2.35 23.23
C LEU B 75 -2.11 -0.84 23.17
N THR B 76 -0.93 -0.28 22.88
CA THR B 76 -0.81 1.12 22.53
C THR B 76 -0.55 1.35 21.04
N SER B 77 -0.19 0.29 20.31
CA SER B 77 0.43 0.36 18.98
C SER B 77 1.85 0.92 19.11
N ARG B 78 2.69 0.70 18.09
CA ARG B 78 4.04 1.22 18.15
C ARG B 78 4.14 2.68 17.73
N ALA B 79 3.00 3.36 17.57
CA ALA B 79 2.97 4.81 17.45
C ALA B 79 3.38 5.50 18.75
N PHE B 80 3.26 4.81 19.87
CA PHE B 80 3.74 5.25 21.17
C PHE B 80 4.68 4.18 21.72
N TYR B 81 5.40 4.53 22.78
CA TYR B 81 6.16 3.52 23.50
C TYR B 81 5.30 2.94 24.63
N ASN B 82 5.60 1.71 25.00
CA ASN B 82 5.13 1.17 26.27
C ASN B 82 6.34 0.64 27.04
N ASN B 83 6.11 0.25 28.28
CA ASN B 83 7.20 -0.12 29.18
C ASN B 83 7.65 -1.57 29.06
N VAL B 84 6.97 -2.40 28.27
CA VAL B 84 7.24 -3.83 28.22
C VAL B 84 8.08 -4.21 27.01
N LEU B 85 7.77 -3.63 25.84
CA LEU B 85 8.41 -4.05 24.60
C LEU B 85 9.94 -4.06 24.70
N GLY B 86 10.51 -2.98 25.24
CA GLY B 86 11.97 -2.88 25.31
C GLY B 86 12.60 -3.94 26.18
N GLU B 87 11.91 -4.34 27.26
CA GLU B 87 12.44 -5.39 28.13
C GLU B 87 12.46 -6.74 27.40
N TYR B 88 11.42 -7.03 26.63
CA TYR B 88 11.42 -8.24 25.82
C TYR B 88 12.50 -8.17 24.74
N GLU B 89 12.68 -7.01 24.11
CA GLU B 89 13.67 -6.88 23.04
C GLU B 89 15.08 -7.15 23.57
N GLU B 90 15.41 -6.59 24.73
CA GLU B 90 16.74 -6.81 25.30
C GLU B 90 16.93 -8.27 25.67
N TYR B 91 15.89 -8.92 26.19
CA TYR B 91 15.99 -10.32 26.57
C TYR B 91 16.24 -11.21 25.36
N ILE B 92 15.41 -11.09 24.32
CA ILE B 92 15.48 -12.02 23.19
C ILE B 92 16.75 -11.79 22.38
N THR B 93 17.21 -10.54 22.26
CA THR B 93 18.41 -10.29 21.47
C THR B 93 19.65 -10.81 22.19
N LYS B 94 19.69 -10.69 23.51
CA LYS B 94 20.84 -11.20 24.25
C LYS B 94 20.80 -12.72 24.37
N LEU B 95 19.60 -13.30 24.41
CA LEU B 95 19.48 -14.75 24.42
C LEU B 95 20.02 -15.37 23.13
N PHE B 96 19.65 -14.82 21.98
CA PHE B 96 20.05 -15.38 20.70
C PHE B 96 21.23 -14.67 20.06
N ASN B 97 21.73 -13.59 20.67
CA ASN B 97 22.97 -12.93 20.27
C ASN B 97 22.84 -12.32 18.86
N TYR B 98 21.82 -11.51 18.69
CA TYR B 98 21.68 -10.62 17.55
C TYR B 98 21.46 -9.21 18.09
N HIS B 99 21.86 -8.21 17.29
CA HIS B 99 21.70 -6.83 17.73
C HIS B 99 20.24 -6.52 18.02
N LYS B 100 19.34 -6.85 17.09
CA LYS B 100 18.00 -6.31 17.14
C LYS B 100 16.97 -7.39 16.82
N VAL B 101 15.74 -7.11 17.25
CA VAL B 101 14.59 -7.94 16.92
C VAL B 101 13.53 -7.01 16.34
N LEU B 102 12.80 -7.49 15.35
CA LEU B 102 11.62 -6.81 14.83
C LEU B 102 10.40 -7.63 15.20
N PRO B 103 9.49 -7.12 16.03
CA PRO B 103 8.37 -7.94 16.50
C PRO B 103 7.21 -7.94 15.51
N MET B 104 6.68 -9.12 15.23
CA MET B 104 5.44 -9.27 14.48
C MET B 104 4.51 -10.22 15.24
N ASN B 105 3.44 -10.68 14.61
CA ASN B 105 2.45 -11.51 15.28
C ASN B 105 2.50 -12.97 14.83
N THR B 106 2.33 -13.23 13.54
CA THR B 106 2.25 -14.61 13.05
C THR B 106 3.52 -15.00 12.28
N GLY B 107 3.64 -16.30 12.04
CA GLY B 107 4.80 -16.81 11.33
C GLY B 107 4.96 -16.22 9.94
N VAL B 108 3.86 -16.15 9.17
CA VAL B 108 3.93 -15.58 7.83
C VAL B 108 4.49 -14.16 7.88
N GLU B 109 4.04 -13.37 8.86
CA GLU B 109 4.45 -11.97 8.93
C GLU B 109 5.94 -11.84 9.18
N ALA B 110 6.49 -12.72 10.02
CA ALA B 110 7.94 -12.77 10.19
C ALA B 110 8.62 -13.17 8.89
N GLY B 111 8.08 -14.20 8.22
CA GLY B 111 8.62 -14.58 6.92
C GLY B 111 8.56 -13.46 5.91
N GLU B 112 7.44 -12.71 5.89
CA GLU B 112 7.33 -11.59 4.97
C GLU B 112 8.32 -10.49 5.35
N THR B 113 8.48 -10.24 6.64
CA THR B 113 9.45 -9.26 7.13
C THR B 113 10.86 -9.61 6.68
N ALA B 114 11.23 -10.90 6.76
CA ALA B 114 12.56 -11.31 6.34
C ALA B 114 12.76 -11.10 4.84
N CYS B 115 11.74 -11.38 4.03
CA CYS B 115 11.80 -11.12 2.60
C CYS B 115 12.02 -9.64 2.33
N LYS B 116 11.27 -8.78 3.04
CA LYS B 116 11.43 -7.34 2.84
C LYS B 116 12.83 -6.89 3.25
N LEU B 117 13.33 -7.41 4.39
CA LEU B 117 14.69 -7.11 4.82
C LEU B 117 15.72 -7.58 3.79
N ALA B 118 15.55 -8.81 3.29
CA ALA B 118 16.49 -9.34 2.30
C ALA B 118 16.52 -8.47 1.05
N ARG B 119 15.34 -8.09 0.54
CA ARG B 119 15.29 -7.26 -0.66
C ARG B 119 15.85 -5.87 -0.39
N LYS B 120 15.43 -5.24 0.71
CA LYS B 120 15.96 -3.92 1.07
C LYS B 120 17.47 -3.96 1.25
N TRP B 121 18.00 -5.02 1.88
CA TRP B 121 19.44 -5.19 1.96
C TRP B 121 20.05 -5.39 0.57
N GLY B 122 19.38 -6.16 -0.28
CA GLY B 122 19.91 -6.41 -1.62
C GLY B 122 20.13 -5.12 -2.41
N TYR B 123 19.17 -4.20 -2.35
CA TYR B 123 19.28 -2.96 -3.13
C TYR B 123 20.19 -1.93 -2.47
N THR B 124 20.08 -1.76 -1.14
CA THR B 124 20.77 -0.66 -0.50
C THR B 124 22.19 -0.98 -0.03
N VAL B 125 22.54 -2.26 0.11
CA VAL B 125 23.86 -2.68 0.58
C VAL B 125 24.60 -3.49 -0.49
N LYS B 126 23.96 -4.53 -1.01
CA LYS B 126 24.63 -5.32 -2.04
C LYS B 126 24.65 -4.60 -3.39
N GLY B 127 23.74 -3.65 -3.61
CA GLY B 127 23.76 -2.87 -4.84
C GLY B 127 23.06 -3.50 -6.01
N ILE B 128 22.15 -4.45 -5.76
CA ILE B 128 21.34 -5.00 -6.84
C ILE B 128 20.46 -3.91 -7.42
N GLN B 129 20.32 -3.90 -8.75
CA GLN B 129 19.44 -2.94 -9.40
C GLN B 129 18.00 -3.19 -9.00
N LYS B 130 17.25 -2.11 -8.77
CA LYS B 130 15.99 -2.24 -8.05
C LYS B 130 15.01 -3.15 -8.77
N TYR B 131 14.56 -4.15 -8.00
CA TYR B 131 13.48 -5.08 -8.30
C TYR B 131 13.96 -6.22 -9.18
N LYS B 132 15.28 -6.41 -9.26
CA LYS B 132 15.90 -7.63 -9.79
C LYS B 132 16.37 -8.58 -8.68
N ALA B 133 16.19 -8.22 -7.41
CA ALA B 133 16.64 -9.06 -6.32
C ALA B 133 15.84 -10.36 -6.25
N LYS B 134 16.55 -11.46 -6.03
CA LYS B 134 15.93 -12.77 -5.94
C LYS B 134 16.12 -13.35 -4.56
N ILE B 135 15.15 -14.15 -4.14
CA ILE B 135 15.23 -14.94 -2.91
C ILE B 135 15.05 -16.40 -3.30
N VAL B 136 15.96 -17.25 -2.84
CA VAL B 136 15.93 -18.68 -3.15
C VAL B 136 15.24 -19.41 -2.01
N PHE B 137 14.38 -20.36 -2.36
CA PHE B 137 13.70 -21.20 -1.40
C PHE B 137 13.97 -22.66 -1.74
N ALA B 138 13.68 -23.54 -0.78
CA ALA B 138 13.85 -24.97 -0.96
C ALA B 138 12.49 -25.61 -1.23
N ALA B 139 12.43 -26.48 -2.24
CA ALA B 139 11.21 -27.23 -2.52
C ALA B 139 10.75 -27.96 -1.26
N GLY B 140 9.44 -28.05 -1.09
CA GLY B 140 8.87 -28.58 0.12
C GLY B 140 8.70 -27.57 1.24
N ASN B 141 9.15 -26.32 1.05
CA ASN B 141 9.05 -25.32 2.10
C ASN B 141 7.60 -24.94 2.37
N PHE B 142 7.31 -24.67 3.64
CA PHE B 142 6.02 -24.16 4.08
C PHE B 142 6.30 -23.07 5.09
N TRP B 143 5.89 -21.83 4.80
CA TRP B 143 6.01 -20.79 5.80
C TRP B 143 4.77 -19.91 5.84
N GLY B 144 3.63 -20.42 5.39
CA GLY B 144 2.36 -19.76 5.57
C GLY B 144 1.60 -19.64 4.27
N ARG B 145 0.52 -18.85 4.30
CA ARG B 145 -0.46 -18.88 3.23
C ARG B 145 -0.83 -17.49 2.72
N THR B 146 0.03 -16.49 2.90
CA THR B 146 -0.15 -15.27 2.14
C THR B 146 0.14 -15.53 0.66
N LEU B 147 -0.14 -14.53 -0.18
CA LEU B 147 0.12 -14.67 -1.61
C LEU B 147 1.61 -14.85 -1.88
N SER B 148 2.46 -14.10 -1.17
CA SER B 148 3.89 -14.25 -1.36
C SER B 148 4.37 -15.61 -0.89
N ALA B 149 3.87 -16.08 0.25
CA ALA B 149 4.34 -17.34 0.81
C ALA B 149 4.01 -18.52 -0.11
N ILE B 150 2.80 -18.54 -0.67
CA ILE B 150 2.43 -19.63 -1.58
C ILE B 150 3.11 -19.49 -2.93
N SER B 151 3.71 -18.33 -3.21
CA SER B 151 4.45 -18.12 -4.45
C SER B 151 5.77 -18.86 -4.46
N SER B 152 6.25 -19.29 -3.29
CA SER B 152 7.47 -20.08 -3.18
C SER B 152 7.20 -21.56 -2.98
N SER B 153 5.94 -21.96 -2.92
CA SER B 153 5.60 -23.33 -2.58
C SER B 153 5.70 -24.24 -3.80
N THR B 154 5.97 -25.53 -3.54
CA THR B 154 5.89 -26.56 -4.56
C THR B 154 4.73 -27.51 -4.29
N ASP B 155 3.76 -27.08 -3.49
CA ASP B 155 2.59 -27.89 -3.16
C ASP B 155 1.39 -27.34 -3.91
N PRO B 156 0.89 -28.04 -4.93
CA PRO B 156 -0.21 -27.49 -5.75
C PRO B 156 -1.46 -27.14 -4.95
N THR B 157 -1.73 -27.84 -3.85
CA THR B 157 -2.87 -27.48 -3.02
C THR B 157 -2.73 -26.06 -2.47
N SER B 158 -1.49 -25.59 -2.28
CA SER B 158 -1.27 -24.28 -1.68
C SER B 158 -1.41 -23.15 -2.69
N TYR B 159 -0.98 -23.35 -3.93
CA TYR B 159 -0.89 -22.22 -4.85
C TYR B 159 -1.88 -22.27 -6.00
N ASP B 160 -2.39 -23.44 -6.36
CA ASP B 160 -3.25 -23.55 -7.53
C ASP B 160 -4.52 -22.72 -7.36
N GLY B 161 -4.86 -21.94 -8.38
CA GLY B 161 -6.02 -21.09 -8.34
C GLY B 161 -5.85 -19.77 -7.63
N PHE B 162 -4.64 -19.45 -7.16
CA PHE B 162 -4.52 -18.22 -6.38
C PHE B 162 -3.79 -17.13 -7.14
N GLY B 163 -4.23 -16.87 -8.38
CA GLY B 163 -3.84 -15.71 -9.15
C GLY B 163 -2.38 -15.75 -9.51
N PRO B 164 -1.92 -14.71 -10.21
CA PRO B 164 -0.49 -14.65 -10.57
C PRO B 164 0.36 -14.57 -9.31
N PHE B 165 1.59 -15.09 -9.42
CA PHE B 165 2.43 -15.28 -8.26
C PHE B 165 3.52 -14.23 -8.18
N MET B 166 4.05 -14.05 -6.97
CA MET B 166 5.08 -13.05 -6.72
C MET B 166 6.34 -13.37 -7.51
N PRO B 167 6.86 -12.46 -8.33
CA PRO B 167 8.11 -12.71 -9.03
C PRO B 167 9.30 -12.63 -8.09
N GLY B 168 10.44 -13.12 -8.58
CA GLY B 168 11.69 -13.05 -7.85
C GLY B 168 11.91 -14.14 -6.82
N PHE B 169 11.14 -15.22 -6.87
CA PHE B 169 11.27 -16.34 -5.95
C PHE B 169 11.77 -17.55 -6.74
N ASP B 170 12.99 -17.99 -6.45
CA ASP B 170 13.55 -19.18 -7.06
C ASP B 170 13.48 -20.35 -6.10
N ILE B 171 13.33 -21.55 -6.66
CA ILE B 171 13.14 -22.76 -5.86
C ILE B 171 14.19 -23.78 -6.28
N ILE B 172 14.87 -24.35 -5.30
CA ILE B 172 15.87 -25.40 -5.53
C ILE B 172 15.50 -26.59 -4.65
N PRO B 173 15.99 -27.78 -4.99
CA PRO B 173 15.74 -28.94 -4.11
C PRO B 173 16.29 -28.70 -2.72
N TYR B 174 15.61 -29.29 -1.73
CA TYR B 174 16.10 -29.33 -0.36
C TYR B 174 17.26 -30.31 -0.25
N ASN B 175 18.12 -30.07 0.74
CA ASN B 175 19.22 -31.00 1.06
C ASN B 175 20.13 -31.21 -0.16
N ASP B 176 20.45 -30.12 -0.85
CA ASP B 176 21.14 -30.17 -2.15
C ASP B 176 22.11 -28.99 -2.25
N LEU B 177 23.32 -29.18 -1.75
CA LEU B 177 24.32 -28.11 -1.76
C LEU B 177 24.79 -27.72 -3.17
N PRO B 178 24.96 -28.67 -4.12
CA PRO B 178 25.32 -28.24 -5.48
C PRO B 178 24.24 -27.40 -6.16
N ALA B 179 22.97 -27.70 -5.93
CA ALA B 179 21.91 -26.85 -6.50
C ALA B 179 21.92 -25.47 -5.88
N LEU B 180 22.21 -25.37 -4.58
CA LEU B 180 22.33 -24.05 -3.96
C LEU B 180 23.47 -23.25 -4.59
N GLU B 181 24.64 -23.88 -4.73
CA GLU B 181 25.78 -23.17 -5.32
C GLU B 181 25.46 -22.73 -6.75
N ARG B 182 24.78 -23.58 -7.53
CA ARG B 182 24.37 -23.18 -8.87
C ARG B 182 23.49 -21.95 -8.83
N ALA B 183 22.53 -21.91 -7.91
CA ALA B 183 21.61 -20.76 -7.84
C ALA B 183 22.33 -19.50 -7.39
N LEU B 184 23.33 -19.62 -6.52
CA LEU B 184 24.04 -18.46 -5.99
C LEU B 184 25.06 -17.88 -6.97
N GLN B 185 25.22 -18.46 -8.16
CA GLN B 185 26.05 -17.83 -9.17
C GLN B 185 25.43 -16.54 -9.68
N ASP B 186 24.11 -16.43 -9.65
CA ASP B 186 23.42 -15.21 -10.06
C ASP B 186 23.68 -14.13 -9.02
N PRO B 187 24.37 -13.04 -9.36
CA PRO B 187 24.67 -12.01 -8.34
C PRO B 187 23.46 -11.23 -7.88
N ASN B 188 22.30 -11.39 -8.53
CA ASN B 188 21.07 -10.72 -8.10
C ASN B 188 20.36 -11.46 -6.97
N VAL B 189 20.87 -12.61 -6.53
CA VAL B 189 20.29 -13.31 -5.40
C VAL B 189 20.62 -12.54 -4.12
N ALA B 190 19.60 -12.25 -3.33
CA ALA B 190 19.81 -11.54 -2.07
C ALA B 190 19.80 -12.45 -0.86
N ALA B 191 19.05 -13.55 -0.89
CA ALA B 191 18.90 -14.38 0.31
C ALA B 191 18.48 -15.78 -0.08
N PHE B 192 18.71 -16.70 0.86
CA PHE B 192 18.23 -18.07 0.81
C PHE B 192 17.47 -18.32 2.10
N MET B 193 16.19 -18.67 1.98
CA MET B 193 15.37 -18.99 3.14
C MET B 193 15.14 -20.49 3.16
N VAL B 194 15.36 -21.10 4.32
CA VAL B 194 15.33 -22.56 4.44
C VAL B 194 14.99 -22.93 5.88
N GLU B 195 14.31 -24.04 6.04
CA GLU B 195 14.07 -24.62 7.37
C GLU B 195 15.18 -25.60 7.70
N PRO B 196 15.76 -25.54 8.91
CA PRO B 196 16.78 -26.55 9.28
C PRO B 196 16.25 -27.96 9.23
N ILE B 197 14.95 -28.13 9.49
CA ILE B 197 14.21 -29.37 9.25
C ILE B 197 12.86 -28.96 8.71
N GLN B 198 12.47 -29.52 7.57
CA GLN B 198 11.21 -29.11 6.94
C GLN B 198 10.05 -29.74 7.69
N GLY B 199 9.23 -28.92 8.34
CA GLY B 199 8.13 -29.41 9.15
C GLY B 199 6.96 -29.96 8.36
N GLU B 200 6.23 -29.09 7.66
CA GLU B 200 5.02 -29.53 6.96
C GLU B 200 5.32 -30.46 5.79
N ALA B 201 6.58 -30.49 5.31
CA ALA B 201 6.93 -31.46 4.29
C ALA B 201 7.00 -32.88 4.82
N GLY B 202 6.97 -33.05 6.14
CA GLY B 202 6.96 -34.38 6.73
C GLY B 202 8.19 -34.66 7.58
N VAL B 203 8.64 -33.65 8.35
CA VAL B 203 9.84 -33.74 9.16
C VAL B 203 11.00 -34.25 8.31
N VAL B 204 11.32 -33.52 7.26
CA VAL B 204 12.42 -33.89 6.36
C VAL B 204 13.73 -33.38 6.96
N VAL B 205 14.55 -34.28 7.47
CA VAL B 205 15.83 -33.93 8.08
C VAL B 205 16.90 -33.99 6.99
N PRO B 206 17.62 -32.90 6.73
CA PRO B 206 18.67 -32.94 5.70
C PRO B 206 19.91 -33.68 6.20
N ASP B 207 20.82 -33.94 5.27
CA ASP B 207 22.03 -34.69 5.61
C ASP B 207 22.91 -33.89 6.57
N PRO B 208 23.62 -34.57 7.47
CA PRO B 208 24.62 -33.87 8.29
C PRO B 208 25.58 -33.08 7.41
N GLY B 209 25.86 -31.84 7.83
CA GLY B 209 26.69 -30.95 7.07
C GLY B 209 25.95 -30.02 6.13
N TYR B 210 24.65 -30.26 5.88
CA TYR B 210 23.90 -29.39 4.99
C TYR B 210 23.89 -27.96 5.49
N LEU B 211 23.58 -27.76 6.78
CA LEU B 211 23.51 -26.41 7.32
C LEU B 211 24.88 -25.73 7.30
N MET B 212 25.95 -26.50 7.48
CA MET B 212 27.29 -25.93 7.36
C MET B 212 27.58 -25.54 5.92
N GLY B 213 27.14 -26.37 4.95
CA GLY B 213 27.32 -26.02 3.55
C GLY B 213 26.51 -24.80 3.14
N VAL B 214 25.28 -24.70 3.62
CA VAL B 214 24.46 -23.51 3.34
C VAL B 214 25.15 -22.26 3.84
N ARG B 215 25.60 -22.28 5.11
CA ARG B 215 26.27 -21.12 5.70
C ARG B 215 27.52 -20.74 4.92
N GLU B 216 28.33 -21.73 4.54
CA GLU B 216 29.54 -21.44 3.78
C GLU B 216 29.20 -20.86 2.41
N LEU B 217 28.25 -21.48 1.71
CA LEU B 217 27.89 -21.00 0.38
C LEU B 217 27.31 -19.60 0.43
N CYS B 218 26.43 -19.34 1.40
CA CYS B 218 25.83 -18.01 1.54
C CYS B 218 26.89 -16.95 1.80
N THR B 219 27.83 -17.24 2.70
CA THR B 219 28.93 -16.31 2.97
C THR B 219 29.81 -16.10 1.75
N ARG B 220 30.09 -17.18 1.02
CA ARG B 220 30.99 -17.08 -0.14
C ARG B 220 30.42 -16.17 -1.22
N HIS B 221 29.10 -16.19 -1.41
CA HIS B 221 28.47 -15.42 -2.47
C HIS B 221 27.76 -14.18 -1.96
N GLN B 222 27.96 -13.82 -0.69
CA GLN B 222 27.35 -12.64 -0.09
C GLN B 222 25.84 -12.68 -0.25
N VAL B 223 25.25 -13.72 0.31
CA VAL B 223 23.82 -13.95 0.26
C VAL B 223 23.35 -14.16 1.69
N LEU B 224 22.27 -13.48 2.07
CA LEU B 224 21.74 -13.61 3.41
C LEU B 224 21.20 -15.02 3.62
N PHE B 225 21.62 -15.66 4.70
CA PHE B 225 21.10 -16.96 5.10
C PHE B 225 19.97 -16.72 6.10
N ILE B 226 18.75 -16.99 5.67
CA ILE B 226 17.55 -16.84 6.50
C ILE B 226 17.15 -18.22 7.00
N ALA B 227 17.24 -18.43 8.32
CA ALA B 227 16.83 -19.70 8.93
C ALA B 227 15.43 -19.54 9.49
N ASP B 228 14.49 -20.33 8.97
CA ASP B 228 13.12 -20.34 9.49
C ASP B 228 13.07 -21.36 10.62
N GLU B 229 13.16 -20.86 11.85
CA GLU B 229 13.07 -21.69 13.04
C GLU B 229 11.73 -21.53 13.74
N ILE B 230 10.70 -21.10 13.01
CA ILE B 230 9.38 -20.88 13.58
C ILE B 230 8.82 -22.17 14.16
N GLN B 231 9.18 -23.32 13.58
CA GLN B 231 8.74 -24.60 14.11
C GLN B 231 9.85 -25.42 14.76
N THR B 232 11.08 -25.36 14.24
CA THR B 232 12.16 -26.18 14.77
C THR B 232 12.87 -25.55 15.97
N GLY B 233 12.69 -24.26 16.20
CA GLY B 233 13.40 -23.56 17.25
C GLY B 233 12.76 -23.76 18.61
N LEU B 234 13.33 -23.07 19.59
CA LEU B 234 12.78 -23.00 20.96
C LEU B 234 12.59 -24.39 21.56
N ALA B 235 13.67 -25.18 21.52
CA ALA B 235 13.87 -26.46 22.21
C ALA B 235 13.19 -27.64 21.53
N ARG B 236 12.41 -27.43 20.47
CA ARG B 236 11.62 -28.52 19.89
C ARG B 236 12.50 -29.67 19.40
N THR B 237 13.67 -29.36 18.81
CA THR B 237 14.53 -30.39 18.26
C THR B 237 15.66 -30.79 19.20
N GLY B 238 15.67 -30.28 20.43
CA GLY B 238 16.71 -30.63 21.38
C GLY B 238 17.78 -29.59 21.55
N ARG B 239 17.68 -28.45 20.87
CA ARG B 239 18.56 -27.30 21.08
C ARG B 239 17.72 -26.03 21.08
N TRP B 240 18.33 -24.93 21.52
CA TRP B 240 17.67 -23.63 21.40
C TRP B 240 17.23 -23.38 19.97
N LEU B 241 18.14 -23.58 19.02
CA LEU B 241 17.82 -23.54 17.59
C LEU B 241 18.36 -24.79 16.93
N ALA B 242 17.62 -25.32 15.95
CA ALA B 242 18.06 -26.51 15.25
C ALA B 242 19.38 -26.28 14.52
N VAL B 243 19.69 -25.03 14.15
CA VAL B 243 20.98 -24.72 13.55
C VAL B 243 22.13 -24.95 14.54
N ASP B 244 21.85 -24.92 15.85
CA ASP B 244 22.90 -25.14 16.83
C ASP B 244 23.56 -26.51 16.67
N TYR B 245 22.82 -27.49 16.14
CA TYR B 245 23.40 -28.81 15.93
C TYR B 245 24.67 -28.76 15.08
N GLU B 246 24.74 -27.84 14.12
CA GLU B 246 25.93 -27.69 13.29
C GLU B 246 26.69 -26.40 13.59
N ASN B 247 26.39 -25.75 14.71
CA ASN B 247 27.08 -24.53 15.15
C ASN B 247 27.09 -23.48 14.05
N VAL B 248 25.95 -23.30 13.40
CA VAL B 248 25.80 -22.42 12.25
C VAL B 248 25.08 -21.16 12.69
N ARG B 249 25.58 -20.00 12.24
CA ARG B 249 24.99 -18.71 12.61
C ARG B 249 24.32 -18.07 11.41
N PRO B 250 22.99 -18.11 11.32
CA PRO B 250 22.30 -17.48 10.19
C PRO B 250 22.35 -15.97 10.28
N ASP B 251 22.16 -15.32 9.12
CA ASP B 251 22.11 -13.87 9.09
C ASP B 251 20.78 -13.34 9.62
N ILE B 252 19.71 -14.11 9.45
CA ILE B 252 18.38 -13.78 9.96
C ILE B 252 17.75 -15.05 10.51
N VAL B 253 17.25 -14.99 11.73
CA VAL B 253 16.52 -16.09 12.34
C VAL B 253 15.05 -15.69 12.47
N LEU B 254 14.15 -16.62 12.12
CA LEU B 254 12.71 -16.44 12.29
C LEU B 254 12.22 -17.31 13.45
N LEU B 255 11.52 -16.68 14.40
CA LEU B 255 10.92 -17.37 15.52
C LEU B 255 9.42 -17.08 15.55
N GLY B 256 8.67 -18.00 16.14
CA GLY B 256 7.23 -17.83 16.30
C GLY B 256 6.61 -18.98 17.07
N LYS B 257 5.32 -19.23 16.82
CA LYS B 257 4.58 -20.36 17.35
C LYS B 257 4.82 -20.56 18.85
N ALA B 258 5.86 -21.33 19.22
CA ALA B 258 6.10 -21.56 20.65
C ALA B 258 6.67 -20.35 21.37
N LEU B 259 6.97 -19.25 20.66
CA LEU B 259 7.43 -18.04 21.30
C LEU B 259 6.45 -17.52 22.36
N SER B 260 5.22 -18.03 22.37
CA SER B 260 4.22 -17.60 23.34
C SER B 260 3.59 -18.74 24.14
N GLY B 261 4.07 -19.97 23.97
CA GLY B 261 3.41 -21.10 24.60
C GLY B 261 1.98 -21.32 24.16
N GLY B 262 1.61 -20.81 22.99
CA GLY B 262 0.24 -20.94 22.51
C GLY B 262 -0.75 -19.96 23.10
N LEU B 263 -0.29 -18.97 23.86
CA LEU B 263 -1.20 -18.03 24.50
C LEU B 263 -1.42 -16.75 23.70
N TYR B 264 -0.65 -16.49 22.66
CA TYR B 264 -0.74 -15.21 21.95
C TYR B 264 0.07 -15.30 20.65
N PRO B 265 -0.45 -14.79 19.54
CA PRO B 265 0.35 -14.79 18.31
C PRO B 265 1.53 -13.84 18.41
N VAL B 266 2.72 -14.38 18.65
CA VAL B 266 3.95 -13.60 18.69
C VAL B 266 4.97 -14.22 17.76
N SER B 267 5.57 -13.39 16.90
CA SER B 267 6.65 -13.83 16.04
C SER B 267 7.76 -12.77 16.07
N ALA B 268 8.96 -13.18 15.68
CA ALA B 268 10.14 -12.33 15.82
C ALA B 268 11.09 -12.57 14.66
N VAL B 269 11.76 -11.49 14.25
CA VAL B 269 12.81 -11.52 13.25
C VAL B 269 14.07 -10.94 13.89
N LEU B 270 15.14 -11.74 13.94
CA LEU B 270 16.39 -11.37 14.58
C LEU B 270 17.49 -11.24 13.55
N CYS B 271 18.19 -10.11 13.56
CA CYS B 271 19.42 -9.96 12.77
C CYS B 271 20.17 -8.75 13.28
N ASP B 272 21.41 -8.59 12.77
CA ASP B 272 22.28 -7.51 13.20
C ASP B 272 21.91 -6.19 12.54
N ASP B 273 22.54 -5.10 13.02
CA ASP B 273 22.20 -3.75 12.58
C ASP B 273 22.36 -3.58 11.07
N ASP B 274 23.38 -4.20 10.48
CA ASP B 274 23.65 -3.96 9.07
C ASP B 274 22.52 -4.46 8.18
N ILE B 275 21.70 -5.38 8.66
CA ILE B 275 20.50 -5.83 7.95
C ILE B 275 19.27 -5.12 8.48
N MET B 276 19.08 -5.12 9.80
CA MET B 276 17.85 -4.61 10.40
C MET B 276 17.63 -3.14 10.06
N LEU B 277 18.70 -2.34 10.07
CA LEU B 277 18.54 -0.91 9.88
C LEU B 277 18.39 -0.50 8.42
N THR B 278 18.34 -1.45 7.48
CA THR B 278 17.98 -1.10 6.12
C THR B 278 16.52 -0.68 6.01
N ILE B 279 15.70 -0.99 7.02
CA ILE B 279 14.32 -0.53 7.08
C ILE B 279 14.27 0.66 8.02
N LYS B 280 13.74 1.77 7.51
CA LYS B 280 13.72 3.06 8.18
C LYS B 280 12.38 3.29 8.86
N PRO B 281 12.28 4.29 9.73
CA PRO B 281 10.98 4.59 10.36
C PRO B 281 9.90 4.88 9.31
N GLY B 282 8.74 4.24 9.51
CA GLY B 282 7.64 4.34 8.58
C GLY B 282 7.58 3.27 7.52
N GLU B 283 8.61 2.44 7.38
CA GLU B 283 8.74 1.54 6.23
C GLU B 283 8.30 0.10 6.50
N HIS B 284 7.96 -0.24 7.74
CA HIS B 284 7.41 -1.56 8.03
C HIS B 284 6.71 -1.50 9.37
N GLY B 285 5.73 -2.38 9.56
CA GLY B 285 5.04 -2.40 10.84
C GLY B 285 3.86 -3.36 10.83
N SER B 286 3.09 -3.28 11.92
CA SER B 286 1.98 -4.15 12.26
C SER B 286 1.26 -3.56 13.46
N THR B 287 -0.07 -3.52 13.39
CA THR B 287 -0.85 -2.94 14.48
C THR B 287 -0.52 -3.60 15.81
N TYR B 288 -0.66 -4.93 15.89
CA TYR B 288 -0.46 -5.66 17.13
C TYR B 288 0.99 -6.04 17.38
N GLY B 289 1.89 -5.82 16.42
CA GLY B 289 3.28 -6.21 16.57
C GLY B 289 3.98 -5.53 17.72
N GLY B 290 4.52 -6.33 18.64
CA GLY B 290 5.25 -5.78 19.78
C GLY B 290 4.39 -5.20 20.87
N ASN B 291 3.13 -5.62 20.98
CA ASN B 291 2.24 -5.10 22.01
C ASN B 291 2.66 -5.64 23.38
N PRO B 292 2.34 -4.92 24.46
CA PRO B 292 2.85 -5.32 25.79
C PRO B 292 2.27 -6.63 26.29
N LEU B 293 1.07 -7.00 25.87
CA LEU B 293 0.49 -8.26 26.33
C LEU B 293 1.26 -9.45 25.77
N GLY B 294 1.44 -9.48 24.44
CA GLY B 294 2.22 -10.55 23.83
C GLY B 294 3.67 -10.57 24.29
N CYS B 295 4.23 -9.39 24.59
CA CYS B 295 5.63 -9.35 25.03
C CYS B 295 5.80 -9.98 26.40
N ARG B 296 4.88 -9.69 27.33
CA ARG B 296 4.91 -10.34 28.64
C ARG B 296 4.80 -11.85 28.49
N VAL B 297 3.84 -12.31 27.70
CA VAL B 297 3.68 -13.74 27.46
C VAL B 297 4.96 -14.37 26.91
N ALA B 298 5.60 -13.70 25.96
CA ALA B 298 6.79 -14.27 25.31
C ALA B 298 7.97 -14.33 26.26
N ILE B 299 8.14 -13.31 27.11
CA ILE B 299 9.19 -13.37 28.12
C ILE B 299 9.00 -14.58 29.00
N ALA B 300 7.77 -14.79 29.48
CA ALA B 300 7.47 -15.93 30.33
C ALA B 300 7.68 -17.26 29.59
N ALA B 301 7.32 -17.30 28.31
CA ALA B 301 7.45 -18.54 27.54
C ALA B 301 8.91 -18.88 27.30
N LEU B 302 9.74 -17.88 27.05
CA LEU B 302 11.18 -18.13 26.94
C LEU B 302 11.76 -18.55 28.28
N GLU B 303 11.31 -17.93 29.37
CA GLU B 303 11.80 -18.31 30.70
C GLU B 303 11.47 -19.77 31.03
N VAL B 304 10.28 -20.23 30.62
CA VAL B 304 9.89 -21.63 30.86
C VAL B 304 10.87 -22.58 30.18
N LEU B 305 11.18 -22.32 28.91
CA LEU B 305 12.05 -23.20 28.15
C LEU B 305 13.42 -23.32 28.80
N GLU B 306 13.91 -22.21 29.37
CA GLU B 306 15.23 -22.20 29.99
C GLU B 306 15.19 -22.83 31.38
N GLU B 307 14.23 -22.42 32.22
CA GLU B 307 14.22 -22.86 33.60
C GLU B 307 13.88 -24.34 33.74
N GLU B 308 13.10 -24.89 32.81
CA GLU B 308 12.70 -26.29 32.87
C GLU B 308 13.57 -27.20 32.00
N ASN B 309 14.58 -26.63 31.33
CA ASN B 309 15.56 -27.41 30.55
C ASN B 309 14.88 -28.27 29.48
N LEU B 310 13.90 -27.69 28.78
CA LEU B 310 13.13 -28.46 27.81
C LEU B 310 13.95 -28.89 26.60
N ALA B 311 15.00 -28.16 26.24
CA ALA B 311 15.85 -28.59 25.12
C ALA B 311 16.51 -29.93 25.41
N GLU B 312 17.08 -30.10 26.61
CA GLU B 312 17.71 -31.36 26.95
C GLU B 312 16.67 -32.48 27.14
N ASN B 313 15.52 -32.15 27.72
CA ASN B 313 14.46 -33.14 27.84
C ASN B 313 14.01 -33.62 26.48
N ALA B 314 13.84 -32.70 25.53
CA ALA B 314 13.44 -33.06 24.18
C ALA B 314 14.49 -33.92 23.48
N ASP B 315 15.77 -33.59 23.69
CA ASP B 315 16.85 -34.37 23.10
C ASP B 315 16.85 -35.80 23.63
N LYS B 316 16.83 -35.93 24.97
CA LYS B 316 16.90 -37.23 25.64
C LYS B 316 15.67 -38.07 25.33
N LEU B 317 14.47 -37.49 25.42
CA LEU B 317 13.26 -38.27 25.14
C LEU B 317 13.08 -38.57 23.65
N GLY B 318 13.57 -37.67 22.78
CA GLY B 318 13.48 -37.92 21.36
C GLY B 318 14.29 -39.13 20.92
N ILE B 319 15.43 -39.37 21.56
CA ILE B 319 16.22 -40.56 21.24
C ILE B 319 15.45 -41.82 21.60
N ILE B 320 14.78 -41.81 22.76
CA ILE B 320 13.96 -42.96 23.15
C ILE B 320 12.83 -43.17 22.15
N LEU B 321 12.15 -42.09 21.78
CA LEU B 321 11.00 -42.20 20.88
C LEU B 321 11.40 -42.84 19.55
N ARG B 322 12.47 -42.33 18.92
CA ARG B 322 12.90 -42.87 17.63
C ARG B 322 13.41 -44.30 17.76
N ASN B 323 14.15 -44.60 18.83
CA ASN B 323 14.65 -45.95 19.04
C ASN B 323 13.52 -46.97 19.11
N GLU B 324 12.47 -46.64 19.89
CA GLU B 324 11.34 -47.55 20.01
C GLU B 324 10.56 -47.63 18.71
N LEU B 325 10.35 -46.50 18.04
CA LEU B 325 9.59 -46.52 16.79
C LEU B 325 10.30 -47.34 15.72
N MET B 326 11.63 -47.42 15.79
CA MET B 326 12.39 -48.22 14.84
C MET B 326 12.27 -49.71 15.11
N LYS B 327 11.72 -50.11 16.26
CA LYS B 327 11.46 -51.52 16.51
C LYS B 327 10.25 -52.04 15.75
N LEU B 328 9.39 -51.16 15.25
CA LEU B 328 8.28 -51.59 14.43
C LEU B 328 8.80 -52.19 13.12
N PRO B 329 8.21 -53.29 12.64
CA PRO B 329 8.79 -53.98 11.49
C PRO B 329 8.82 -53.10 10.25
N SER B 330 9.88 -53.23 9.46
CA SER B 330 10.03 -52.44 8.25
C SER B 330 8.99 -52.77 7.19
N ASP B 331 8.17 -53.80 7.41
CA ASP B 331 7.07 -54.10 6.51
C ASP B 331 5.92 -53.11 6.68
N VAL B 332 5.86 -52.41 7.81
CA VAL B 332 4.71 -51.58 8.12
C VAL B 332 5.15 -50.12 8.26
N VAL B 333 6.33 -49.91 8.82
CA VAL B 333 6.92 -48.59 8.98
C VAL B 333 8.20 -48.56 8.17
N THR B 334 8.25 -47.74 7.12
CA THR B 334 9.39 -47.72 6.22
C THR B 334 10.51 -46.81 6.68
N ALA B 335 10.23 -45.80 7.49
CA ALA B 335 11.28 -44.89 7.93
C ALA B 335 10.86 -44.20 9.22
N VAL B 336 11.87 -43.84 10.01
CA VAL B 336 11.70 -43.05 11.23
C VAL B 336 12.73 -41.92 11.17
N ARG B 337 12.28 -40.69 11.39
CA ARG B 337 13.17 -39.55 11.24
C ARG B 337 12.74 -38.43 12.16
N GLY B 338 13.70 -37.58 12.50
CA GLY B 338 13.44 -36.40 13.32
C GLY B 338 14.63 -36.09 14.19
N LYS B 339 14.52 -34.97 14.90
CA LYS B 339 15.49 -34.55 15.90
C LYS B 339 14.72 -34.05 17.12
N GLY B 340 15.23 -34.35 18.30
CA GLY B 340 14.50 -34.00 19.51
C GLY B 340 13.10 -34.60 19.48
N LEU B 341 12.10 -33.78 19.84
CA LEU B 341 10.71 -34.20 19.88
C LEU B 341 9.94 -33.75 18.64
N LEU B 342 10.62 -33.53 17.53
CA LEU B 342 9.99 -33.33 16.23
C LEU B 342 10.33 -34.55 15.39
N ASN B 343 9.37 -35.46 15.25
CA ASN B 343 9.64 -36.73 14.57
C ASN B 343 8.48 -37.10 13.68
N ALA B 344 8.74 -38.05 12.78
CA ALA B 344 7.69 -38.59 11.92
C ALA B 344 8.04 -40.02 11.56
N ILE B 345 7.01 -40.79 11.22
CA ILE B 345 7.17 -42.11 10.65
C ILE B 345 6.56 -42.12 9.26
N VAL B 346 7.12 -42.95 8.38
CA VAL B 346 6.59 -43.15 7.04
C VAL B 346 5.89 -44.51 7.02
N ILE B 347 4.68 -44.51 6.50
CA ILE B 347 3.78 -45.64 6.57
C ILE B 347 3.82 -46.38 5.25
N LYS B 348 3.88 -47.72 5.30
CA LYS B 348 3.73 -48.51 4.09
C LYS B 348 2.30 -48.41 3.57
N GLU B 349 2.02 -47.39 2.76
CA GLU B 349 0.66 -47.18 2.27
C GLU B 349 0.26 -48.31 1.34
N THR B 350 -0.94 -48.87 1.58
CA THR B 350 -1.42 -49.98 0.78
C THR B 350 -2.81 -49.68 0.23
N LYS B 351 -3.58 -50.73 0.01
CA LYS B 351 -5.01 -50.59 -0.23
C LYS B 351 -5.81 -50.63 1.06
N ASP B 352 -5.22 -51.18 2.13
CA ASP B 352 -5.91 -51.41 3.39
C ASP B 352 -5.93 -50.18 4.29
N TRP B 353 -4.98 -49.26 4.14
CA TRP B 353 -4.82 -48.22 5.15
C TRP B 353 -4.02 -47.06 4.58
N ASP B 354 -4.10 -45.94 5.29
CA ASP B 354 -3.25 -44.79 5.01
C ASP B 354 -3.05 -44.03 6.32
N ALA B 355 -2.40 -42.86 6.22
CA ALA B 355 -2.05 -42.12 7.42
C ALA B 355 -3.28 -41.59 8.15
N TRP B 356 -4.32 -41.21 7.40
CA TRP B 356 -5.53 -40.70 8.04
C TRP B 356 -6.23 -41.77 8.86
N LYS B 357 -6.28 -43.00 8.35
CA LYS B 357 -6.93 -44.08 9.09
C LYS B 357 -6.19 -44.40 10.37
N VAL B 358 -4.85 -44.37 10.33
CA VAL B 358 -4.07 -44.65 11.54
C VAL B 358 -4.34 -43.60 12.61
N CYS B 359 -4.35 -42.32 12.23
CA CYS B 359 -4.64 -41.24 13.18
C CYS B 359 -6.07 -41.31 13.69
N LEU B 360 -7.00 -41.81 12.87
CA LEU B 360 -8.35 -42.05 13.38
C LEU B 360 -8.33 -43.09 14.49
N ARG B 361 -7.55 -44.15 14.32
CA ARG B 361 -7.47 -45.18 15.35
C ARG B 361 -6.57 -44.74 16.51
N LEU B 362 -5.52 -43.96 16.24
CA LEU B 362 -4.76 -43.37 17.34
C LEU B 362 -5.66 -42.50 18.20
N ARG B 363 -6.56 -41.73 17.57
CA ARG B 363 -7.51 -40.92 18.32
C ARG B 363 -8.39 -41.81 19.21
N ASP B 364 -8.93 -42.89 18.63
CA ASP B 364 -9.75 -43.82 19.40
C ASP B 364 -9.01 -44.39 20.60
N ASN B 365 -7.68 -44.50 20.51
CA ASN B 365 -6.87 -45.05 21.59
C ASN B 365 -6.24 -43.96 22.46
N GLY B 366 -6.67 -42.71 22.31
CA GLY B 366 -6.27 -41.67 23.24
C GLY B 366 -5.00 -40.93 22.90
N LEU B 367 -4.66 -40.82 21.61
CA LEU B 367 -3.49 -40.09 21.17
C LEU B 367 -3.85 -39.31 19.90
N LEU B 368 -3.59 -38.01 19.91
CA LEU B 368 -3.95 -37.14 18.80
C LEU B 368 -2.69 -36.83 17.97
N ALA B 369 -2.71 -37.27 16.72
CA ALA B 369 -1.65 -36.99 15.76
C ALA B 369 -2.29 -36.66 14.43
N LYS B 370 -1.57 -35.96 13.58
CA LYS B 370 -2.15 -35.65 12.28
C LYS B 370 -1.21 -36.08 11.17
N PRO B 371 -1.77 -36.53 10.04
CA PRO B 371 -0.93 -36.91 8.91
C PRO B 371 -0.50 -35.70 8.09
N THR B 372 0.59 -35.86 7.35
CA THR B 372 1.11 -34.75 6.55
C THR B 372 0.85 -34.88 5.06
N HIS B 373 0.81 -36.10 4.50
CA HIS B 373 0.27 -36.32 3.15
C HIS B 373 0.18 -37.78 2.74
N GLY B 374 -0.74 -38.53 3.34
CA GLY B 374 -1.06 -39.87 2.87
C GLY B 374 -0.31 -41.05 3.50
N ASP B 375 1.00 -40.91 3.70
CA ASP B 375 1.81 -42.00 4.23
C ASP B 375 2.75 -41.55 5.34
N ILE B 376 2.51 -40.39 5.94
CA ILE B 376 3.40 -39.83 6.93
C ILE B 376 2.61 -39.39 8.15
N ILE B 377 3.11 -39.72 9.33
CA ILE B 377 2.47 -39.34 10.58
C ILE B 377 3.49 -38.59 11.44
N ARG B 378 3.12 -37.39 11.87
CA ARG B 378 3.98 -36.58 12.72
C ARG B 378 3.75 -36.95 14.19
N PHE B 379 4.83 -37.00 14.95
CA PHE B 379 4.77 -37.21 16.40
C PHE B 379 5.55 -36.09 17.06
N ALA B 380 4.83 -35.15 17.67
CA ALA B 380 5.44 -33.94 18.24
C ALA B 380 4.70 -33.55 19.51
N PRO B 381 4.99 -34.21 20.62
CA PRO B 381 4.30 -33.90 21.88
C PRO B 381 4.95 -32.72 22.58
N PRO B 382 4.24 -32.07 23.51
CA PRO B 382 4.86 -30.99 24.27
C PRO B 382 6.12 -31.44 24.98
N LEU B 383 7.08 -30.53 25.09
CA LEU B 383 8.41 -30.87 25.58
C LEU B 383 8.44 -31.08 27.08
N VAL B 384 7.33 -30.81 27.78
CA VAL B 384 7.26 -31.09 29.22
C VAL B 384 6.88 -32.52 29.51
N ILE B 385 6.73 -33.37 28.48
CA ILE B 385 6.37 -34.77 28.69
C ILE B 385 7.49 -35.46 29.44
N LYS B 386 7.13 -36.40 30.31
CA LYS B 386 8.09 -37.18 31.07
C LYS B 386 8.24 -38.56 30.45
N GLU B 387 9.30 -39.26 30.86
CA GLU B 387 9.64 -40.52 30.22
C GLU B 387 8.52 -41.55 30.34
N ASP B 388 7.89 -41.64 31.51
CA ASP B 388 6.84 -42.65 31.67
C ASP B 388 5.62 -42.32 30.83
N GLU B 389 5.24 -41.04 30.76
CA GLU B 389 4.18 -40.62 29.84
C GLU B 389 4.59 -40.89 28.40
N LEU B 390 5.86 -40.71 28.07
CA LEU B 390 6.32 -40.99 26.71
C LEU B 390 6.17 -42.48 26.39
N ARG B 391 6.57 -43.34 27.33
CA ARG B 391 6.54 -44.78 27.07
C ARG B 391 5.11 -45.29 26.98
N GLU B 392 4.21 -44.73 27.79
CA GLU B 392 2.79 -45.05 27.61
C GLU B 392 2.31 -44.59 26.23
N SER B 393 2.75 -43.42 25.78
CA SER B 393 2.43 -42.97 24.43
C SER B 393 2.90 -43.97 23.40
N ILE B 394 4.13 -44.48 23.56
CA ILE B 394 4.70 -45.39 22.57
C ILE B 394 3.90 -46.68 22.49
N GLU B 395 3.45 -47.20 23.63
CA GLU B 395 2.64 -48.41 23.58
C GLU B 395 1.31 -48.17 22.88
N ILE B 396 0.75 -46.96 23.00
CA ILE B 396 -0.45 -46.63 22.23
C ILE B 396 -0.15 -46.64 20.74
N ILE B 397 1.00 -46.06 20.35
CA ILE B 397 1.38 -46.03 18.94
C ILE B 397 1.66 -47.44 18.44
N ASN B 398 2.35 -48.25 19.24
CA ASN B 398 2.69 -49.62 18.83
C ASN B 398 1.43 -50.46 18.58
N LYS B 399 0.53 -50.50 19.56
CA LYS B 399 -0.68 -51.32 19.42
C LYS B 399 -1.55 -50.81 18.29
N THR B 400 -1.64 -49.49 18.12
CA THR B 400 -2.44 -48.95 17.04
C THR B 400 -1.88 -49.36 15.68
N ILE B 401 -0.59 -49.14 15.47
CA ILE B 401 0.03 -49.46 14.18
C ILE B 401 -0.10 -50.94 13.88
N LEU B 402 0.15 -51.80 14.87
CA LEU B 402 0.12 -53.24 14.62
C LEU B 402 -1.28 -53.82 14.57
N SER B 403 -2.31 -53.05 14.93
CA SER B 403 -3.67 -53.56 14.87
C SER B 403 -4.24 -53.56 13.45
N PHE B 404 -3.53 -52.99 12.49
CA PHE B 404 -3.99 -52.99 11.11
C PHE B 404 -3.53 -54.25 10.39
N PRO C 3 -23.36 45.45 -32.54
CA PRO C 3 -22.73 44.18 -32.18
C PRO C 3 -22.04 44.26 -30.81
N THR C 4 -22.81 44.10 -29.74
CA THR C 4 -22.31 44.29 -28.39
C THR C 4 -21.81 42.96 -27.80
N SER C 5 -21.30 43.04 -26.57
CA SER C 5 -20.75 41.87 -25.91
C SER C 5 -21.83 40.81 -25.65
N ASP C 6 -22.99 41.24 -25.16
CA ASP C 6 -24.07 40.30 -24.90
C ASP C 6 -24.59 39.67 -26.18
N ASP C 7 -24.62 40.43 -27.27
CA ASP C 7 -24.99 39.87 -28.57
C ASP C 7 -24.00 38.78 -28.99
N ILE C 8 -22.71 38.99 -28.74
CA ILE C 8 -21.70 38.02 -29.13
C ILE C 8 -21.84 36.75 -28.31
N PHE C 9 -22.10 36.89 -27.01
CA PHE C 9 -22.38 35.72 -26.18
C PHE C 9 -23.59 34.95 -26.71
N GLU C 10 -24.64 35.67 -27.10
CA GLU C 10 -25.88 34.99 -27.47
C GLU C 10 -25.78 34.33 -28.84
N ARG C 11 -25.06 34.94 -29.78
CA ARG C 11 -24.90 34.34 -31.10
C ARG C 11 -24.18 32.99 -31.00
N GLU C 12 -23.07 32.95 -30.25
CA GLU C 12 -22.36 31.68 -30.07
C GLU C 12 -23.21 30.65 -29.34
N TYR C 13 -24.04 31.09 -28.38
CA TYR C 13 -24.94 30.17 -27.71
C TYR C 13 -25.90 29.50 -28.69
N LYS C 14 -26.28 30.19 -29.76
CA LYS C 14 -27.28 29.65 -30.68
C LYS C 14 -26.66 28.70 -31.71
N TYR C 15 -25.52 29.08 -32.31
CA TYR C 15 -25.00 28.38 -33.46
C TYR C 15 -23.68 27.65 -33.22
N GLY C 16 -23.08 27.77 -32.05
CA GLY C 16 -21.85 27.08 -31.73
C GLY C 16 -22.07 26.00 -30.70
N ALA C 17 -21.21 24.98 -30.72
CA ALA C 17 -21.29 23.93 -29.71
C ALA C 17 -21.00 24.52 -28.32
N HIS C 18 -21.57 23.87 -27.31
CA HIS C 18 -21.43 24.29 -25.91
C HIS C 18 -20.31 23.53 -25.21
N ASN C 19 -19.19 23.33 -25.90
CA ASN C 19 -18.07 22.58 -25.34
C ASN C 19 -17.13 23.46 -24.51
N TYR C 20 -17.39 24.77 -24.46
CA TYR C 20 -16.65 25.67 -23.60
C TYR C 20 -17.63 26.47 -22.75
N HIS C 21 -17.13 26.99 -21.63
CA HIS C 21 -17.83 28.00 -20.83
C HIS C 21 -16.87 29.16 -20.60
N PRO C 22 -16.76 30.07 -21.55
CA PRO C 22 -15.70 31.09 -21.47
C PRO C 22 -16.01 32.14 -20.42
N LEU C 23 -14.97 32.85 -20.02
CA LEU C 23 -15.17 34.05 -19.23
C LEU C 23 -15.97 35.05 -20.05
N PRO C 24 -17.04 35.64 -19.49
CA PRO C 24 -17.85 36.59 -20.28
C PRO C 24 -17.12 37.87 -20.63
N VAL C 25 -16.34 37.83 -21.70
CA VAL C 25 -15.67 39.01 -22.25
C VAL C 25 -15.45 38.76 -23.73
N ALA C 26 -15.79 39.74 -24.56
CA ALA C 26 -15.84 39.57 -26.01
C ALA C 26 -14.71 40.39 -26.62
N LEU C 27 -13.58 39.76 -26.89
CA LEU C 27 -12.39 40.46 -27.33
C LEU C 27 -12.46 40.74 -28.81
N GLU C 28 -12.09 41.96 -29.20
CA GLU C 28 -12.01 42.33 -30.62
C GLU C 28 -10.58 42.56 -31.07
N ARG C 29 -9.77 43.22 -30.24
CA ARG C 29 -8.43 43.59 -30.66
C ARG C 29 -7.42 43.33 -29.54
N GLY C 30 -6.21 42.93 -29.93
CA GLY C 30 -5.14 42.72 -28.99
C GLY C 30 -3.80 43.02 -29.63
N LYS C 31 -2.88 43.57 -28.83
CA LYS C 31 -1.53 43.84 -29.30
C LYS C 31 -0.59 43.72 -28.11
N GLY C 32 0.44 42.91 -28.27
CA GLY C 32 1.35 42.67 -27.16
C GLY C 32 0.61 42.08 -25.97
N ILE C 33 0.73 42.73 -24.81
CA ILE C 33 0.12 42.22 -23.59
C ILE C 33 -1.33 42.66 -23.42
N TYR C 34 -1.87 43.43 -24.35
CA TYR C 34 -3.17 44.08 -24.17
C TYR C 34 -4.22 43.49 -25.10
N LEU C 35 -5.45 43.43 -24.60
CA LEU C 35 -6.62 43.05 -25.39
C LEU C 35 -7.71 44.10 -25.20
N TRP C 36 -8.48 44.32 -26.27
CA TRP C 36 -9.61 45.26 -26.26
C TRP C 36 -10.89 44.50 -26.61
N ASP C 37 -11.97 44.79 -25.88
CA ASP C 37 -13.25 44.19 -26.17
C ASP C 37 -14.04 45.07 -27.14
N VAL C 38 -15.24 44.64 -27.50
CA VAL C 38 -16.01 45.34 -28.51
C VAL C 38 -16.56 46.68 -28.02
N GLU C 39 -16.59 46.89 -26.70
CA GLU C 39 -16.94 48.18 -26.14
C GLU C 39 -15.74 49.10 -26.01
N GLY C 40 -14.54 48.63 -26.32
CA GLY C 40 -13.35 49.44 -26.27
C GLY C 40 -12.57 49.36 -24.97
N ARG C 41 -13.01 48.57 -24.01
CA ARG C 41 -12.27 48.43 -22.76
C ARG C 41 -10.94 47.72 -23.01
N LYS C 42 -9.94 48.11 -22.25
CA LYS C 42 -8.58 47.58 -22.37
C LYS C 42 -8.29 46.64 -21.21
N TYR C 43 -7.63 45.51 -21.51
CA TYR C 43 -7.33 44.50 -20.51
C TYR C 43 -5.90 44.02 -20.62
N PHE C 44 -5.33 43.63 -19.48
CA PHE C 44 -4.10 42.84 -19.47
C PHE C 44 -4.47 41.39 -19.77
N ASP C 45 -3.74 40.76 -20.69
CA ASP C 45 -3.92 39.35 -20.98
C ASP C 45 -3.00 38.55 -20.07
N PHE C 46 -3.57 37.85 -19.10
CA PHE C 46 -2.77 37.01 -18.21
C PHE C 46 -3.03 35.52 -18.43
N LEU C 47 -3.52 35.17 -19.62
CA LEU C 47 -3.61 33.78 -20.07
C LEU C 47 -2.71 33.50 -21.25
N SER C 48 -2.55 34.46 -22.16
CA SER C 48 -1.71 34.29 -23.35
C SER C 48 -2.12 33.07 -24.15
N SER C 49 -3.42 32.78 -24.19
CA SER C 49 -3.97 31.68 -24.98
C SER C 49 -3.25 30.37 -24.68
N TYR C 50 -3.15 30.04 -23.39
CA TYR C 50 -2.43 28.86 -22.91
C TYR C 50 -0.98 28.85 -23.41
N SER C 51 -0.32 30.00 -23.31
CA SER C 51 1.08 30.23 -23.70
C SER C 51 1.29 30.20 -25.21
N ALA C 52 0.22 30.36 -26.00
CA ALA C 52 0.41 30.43 -27.44
C ALA C 52 0.88 31.80 -27.92
N VAL C 53 0.63 32.87 -27.16
CA VAL C 53 1.15 34.17 -27.55
C VAL C 53 2.21 34.63 -26.56
N ASN C 54 3.26 33.82 -26.38
CA ASN C 54 4.41 34.25 -25.62
C ASN C 54 5.00 35.55 -26.18
N GLN C 55 4.99 35.69 -27.50
CA GLN C 55 5.54 36.86 -28.17
C GLN C 55 4.61 38.06 -28.13
N GLY C 56 3.49 37.97 -27.41
CA GLY C 56 2.48 39.01 -27.43
C GLY C 56 1.58 38.89 -28.64
N HIS C 57 0.39 39.49 -28.53
CA HIS C 57 -0.58 39.43 -29.61
C HIS C 57 -0.07 40.20 -30.83
N CYS C 58 -0.22 39.60 -32.01
CA CYS C 58 0.03 40.27 -33.29
C CYS C 58 1.42 40.91 -33.33
N HIS C 59 2.45 40.14 -33.00
CA HIS C 59 3.81 40.65 -33.03
C HIS C 59 4.16 41.06 -34.46
N PRO C 60 4.67 42.27 -34.67
CA PRO C 60 4.84 42.76 -36.06
C PRO C 60 5.78 41.93 -36.90
N LYS C 61 6.83 41.34 -36.31
CA LYS C 61 7.75 40.52 -37.12
C LYS C 61 7.06 39.25 -37.61
N ILE C 62 6.24 38.63 -36.76
CA ILE C 62 5.53 37.43 -37.17
C ILE C 62 4.39 37.77 -38.11
N VAL C 63 3.73 38.91 -37.88
CA VAL C 63 2.67 39.37 -38.78
C VAL C 63 3.23 39.67 -40.16
N ASN C 64 4.40 40.31 -40.21
CA ASN C 64 5.01 40.62 -41.51
C ASN C 64 5.47 39.36 -42.23
N ALA C 65 5.95 38.35 -41.49
CA ALA C 65 6.35 37.11 -42.14
C ALA C 65 5.14 36.39 -42.73
N LEU C 66 4.01 36.40 -42.02
CA LEU C 66 2.80 35.81 -42.56
C LEU C 66 2.30 36.56 -43.79
N LYS C 67 2.29 37.89 -43.73
CA LYS C 67 1.81 38.67 -44.88
C LYS C 67 2.71 38.49 -46.10
N SER C 68 4.02 38.39 -45.88
CA SER C 68 4.94 38.21 -47.00
C SER C 68 4.80 36.82 -47.61
N GLN C 69 4.45 35.82 -46.80
CA GLN C 69 4.34 34.44 -47.26
C GLN C 69 2.92 34.06 -47.68
N VAL C 70 1.91 34.88 -47.40
CA VAL C 70 0.59 34.59 -47.95
C VAL C 70 0.49 35.13 -49.38
N ASP C 71 1.24 36.19 -49.71
CA ASP C 71 1.44 36.57 -51.11
C ASP C 71 2.43 35.63 -51.76
N LYS C 72 3.34 35.04 -50.98
CA LYS C 72 4.10 33.89 -51.42
C LYS C 72 3.32 32.64 -50.99
N LEU C 73 3.98 31.50 -50.87
CA LEU C 73 3.28 30.21 -50.89
C LEU C 73 2.61 29.88 -49.57
N THR C 74 1.43 29.26 -49.63
CA THR C 74 0.71 28.84 -48.43
C THR C 74 0.53 27.34 -48.28
N LEU C 75 0.23 26.59 -49.34
CA LEU C 75 0.00 25.16 -49.14
C LEU C 75 0.16 24.38 -50.44
N THR C 76 1.09 23.43 -50.45
CA THR C 76 1.23 22.46 -51.53
C THR C 76 0.92 21.04 -51.11
N SER C 77 0.78 20.78 -49.80
CA SER C 77 0.83 19.44 -49.20
C SER C 77 2.24 18.88 -49.34
N ARG C 78 2.57 17.86 -48.54
CA ARG C 78 3.89 17.25 -48.65
C ARG C 78 3.96 16.16 -49.72
N ALA C 79 2.95 16.10 -50.59
CA ALA C 79 3.05 15.31 -51.81
C ALA C 79 4.05 15.92 -52.79
N PHE C 80 4.32 17.20 -52.69
CA PHE C 80 5.40 17.88 -53.39
C PHE C 80 6.27 18.59 -52.36
N TYR C 81 7.40 19.11 -52.83
CA TYR C 81 8.26 19.94 -51.99
C TYR C 81 7.89 21.40 -52.15
N ASN C 82 8.10 22.17 -51.09
CA ASN C 82 8.12 23.62 -51.15
C ASN C 82 9.46 24.12 -50.62
N ASN C 83 9.74 25.40 -50.85
CA ASN C 83 11.05 25.96 -50.55
C ASN C 83 11.22 26.40 -49.11
N VAL C 84 10.15 26.43 -48.32
CA VAL C 84 10.20 26.99 -46.97
C VAL C 84 10.43 25.90 -45.91
N LEU C 85 9.84 24.72 -46.11
CA LEU C 85 9.87 23.69 -45.07
C LEU C 85 11.28 23.35 -44.65
N GLY C 86 12.17 23.07 -45.61
CA GLY C 86 13.51 22.64 -45.28
C GLY C 86 14.30 23.71 -44.55
N GLU C 87 14.06 24.98 -44.89
CA GLU C 87 14.71 26.06 -44.16
C GLU C 87 14.26 26.07 -42.70
N TYR C 88 12.97 25.87 -42.45
CA TYR C 88 12.48 25.79 -41.08
C TYR C 88 13.06 24.57 -40.37
N GLU C 89 13.04 23.41 -41.03
CA GLU C 89 13.56 22.19 -40.41
C GLU C 89 15.01 22.33 -40.00
N GLU C 90 15.84 22.92 -40.87
CA GLU C 90 17.25 23.12 -40.51
C GLU C 90 17.37 24.07 -39.33
N TYR C 91 16.54 25.12 -39.31
CA TYR C 91 16.61 26.09 -38.22
C TYR C 91 16.26 25.44 -36.89
N ILE C 92 15.12 24.76 -36.82
CA ILE C 92 14.64 24.30 -35.53
C ILE C 92 15.44 23.10 -35.02
N THR C 93 15.96 22.26 -35.92
CA THR C 93 16.75 21.11 -35.47
C THR C 93 18.10 21.56 -34.91
N LYS C 94 18.74 22.54 -35.57
CA LYS C 94 20.02 23.03 -35.06
C LYS C 94 19.83 23.85 -33.79
N LEU C 95 18.69 24.52 -33.66
CA LEU C 95 18.43 25.32 -32.46
C LEU C 95 18.30 24.43 -31.23
N PHE C 96 17.46 23.40 -31.32
CA PHE C 96 17.26 22.48 -30.21
C PHE C 96 18.16 21.27 -30.27
N ASN C 97 18.95 21.11 -31.33
CA ASN C 97 19.99 20.07 -31.35
C ASN C 97 19.35 18.67 -31.37
N TYR C 98 18.51 18.43 -32.35
CA TYR C 98 18.08 17.07 -32.66
C TYR C 98 18.29 16.87 -34.15
N HIS C 99 18.42 15.60 -34.57
CA HIS C 99 18.67 15.34 -35.98
C HIS C 99 17.51 15.85 -36.83
N LYS C 100 16.29 15.50 -36.46
CA LYS C 100 15.16 15.72 -37.36
C LYS C 100 13.97 16.26 -36.60
N VAL C 101 13.06 16.87 -37.35
CA VAL C 101 11.79 17.34 -36.83
C VAL C 101 10.69 16.77 -37.72
N LEU C 102 9.58 16.38 -37.11
CA LEU C 102 8.38 16.00 -37.86
C LEU C 102 7.35 17.11 -37.68
N PRO C 103 6.89 17.75 -38.76
CA PRO C 103 5.97 18.88 -38.60
C PRO C 103 4.51 18.46 -38.55
N MET C 104 3.76 19.03 -37.60
CA MET C 104 2.33 18.81 -37.50
C MET C 104 1.68 20.16 -37.24
N ASN C 105 0.40 20.17 -36.87
CA ASN C 105 -0.35 21.41 -36.73
C ASN C 105 -0.69 21.72 -35.29
N THR C 106 -1.39 20.83 -34.59
CA THR C 106 -1.81 21.09 -33.22
C THR C 106 -0.98 20.27 -32.24
N GLY C 107 -1.05 20.67 -30.97
CA GLY C 107 -0.28 20.00 -29.95
C GLY C 107 -0.66 18.55 -29.79
N VAL C 108 -1.96 18.24 -29.89
CA VAL C 108 -2.37 16.85 -29.72
C VAL C 108 -1.87 15.99 -30.88
N GLU C 109 -1.82 16.55 -32.09
CA GLU C 109 -1.23 15.82 -33.22
C GLU C 109 0.25 15.53 -32.97
N ALA C 110 0.98 16.48 -32.37
CA ALA C 110 2.36 16.20 -32.01
C ALA C 110 2.43 15.08 -30.97
N GLY C 111 1.53 15.12 -29.98
CA GLY C 111 1.49 14.04 -28.99
C GLY C 111 1.16 12.70 -29.60
N GLU C 112 0.22 12.68 -30.55
CA GLU C 112 -0.11 11.45 -31.24
C GLU C 112 1.08 10.93 -32.03
N THR C 113 1.81 11.82 -32.69
CA THR C 113 3.00 11.43 -33.43
C THR C 113 4.03 10.79 -32.51
N ALA C 114 4.23 11.37 -31.32
CA ALA C 114 5.21 10.84 -30.37
C ALA C 114 4.80 9.45 -29.89
N CYS C 115 3.51 9.22 -29.63
CA CYS C 115 3.06 7.87 -29.27
C CYS C 115 3.33 6.89 -30.39
N LYS C 116 3.09 7.30 -31.64
CA LYS C 116 3.36 6.41 -32.77
C LYS C 116 4.85 6.13 -32.91
N LEU C 117 5.68 7.17 -32.76
CA LEU C 117 7.13 6.97 -32.79
C LEU C 117 7.58 6.04 -31.66
N ALA C 118 7.02 6.25 -30.45
CA ALA C 118 7.39 5.39 -29.32
C ALA C 118 7.02 3.93 -29.60
N ARG C 119 5.79 3.68 -30.04
CA ARG C 119 5.38 2.32 -30.32
C ARG C 119 6.19 1.71 -31.45
N LYS C 120 6.39 2.48 -32.54
CA LYS C 120 7.15 1.95 -33.68
C LYS C 120 8.59 1.65 -33.27
N TRP C 121 9.19 2.52 -32.46
CA TRP C 121 10.51 2.26 -31.92
C TRP C 121 10.49 1.05 -30.99
N GLY C 122 9.43 0.91 -30.20
CA GLY C 122 9.30 -0.24 -29.33
C GLY C 122 9.35 -1.55 -30.08
N TYR C 123 8.61 -1.64 -31.20
CA TYR C 123 8.53 -2.91 -31.93
C TYR C 123 9.75 -3.17 -32.79
N THR C 124 10.24 -2.15 -33.50
CA THR C 124 11.27 -2.36 -34.52
C THR C 124 12.69 -2.19 -33.99
N VAL C 125 12.89 -1.53 -32.86
CA VAL C 125 14.21 -1.34 -32.26
C VAL C 125 14.32 -2.11 -30.94
N LYS C 126 13.45 -1.80 -29.97
CA LYS C 126 13.53 -2.47 -28.68
C LYS C 126 13.16 -3.95 -28.78
N GLY C 127 12.33 -4.31 -29.75
CA GLY C 127 11.98 -5.70 -29.95
C GLY C 127 10.77 -6.19 -29.19
N ILE C 128 9.89 -5.28 -28.75
CA ILE C 128 8.66 -5.69 -28.08
C ILE C 128 7.75 -6.42 -29.07
N GLN C 129 7.10 -7.48 -28.60
CA GLN C 129 6.17 -8.22 -29.45
C GLN C 129 5.01 -7.31 -29.86
N LYS C 130 4.61 -7.42 -31.12
CA LYS C 130 3.75 -6.42 -31.73
C LYS C 130 2.44 -6.27 -30.99
N TYR C 131 2.21 -5.04 -30.56
CA TYR C 131 0.99 -4.51 -29.97
C TYR C 131 0.91 -4.84 -28.49
N LYS C 132 2.06 -5.17 -27.89
CA LYS C 132 2.22 -5.26 -26.45
C LYS C 132 2.88 -4.02 -25.85
N ALA C 133 3.29 -3.05 -26.68
CA ALA C 133 4.02 -1.90 -26.18
C ALA C 133 3.15 -1.01 -25.32
N LYS C 134 3.72 -0.51 -24.24
CA LYS C 134 3.03 0.37 -23.30
C LYS C 134 3.70 1.74 -23.30
N ILE C 135 2.88 2.76 -23.06
CA ILE C 135 3.35 4.11 -22.80
C ILE C 135 2.85 4.52 -21.42
N VAL C 136 3.74 5.09 -20.62
CA VAL C 136 3.40 5.51 -19.26
C VAL C 136 3.17 7.01 -19.26
N PHE C 137 2.12 7.43 -18.57
CA PHE C 137 1.76 8.84 -18.43
C PHE C 137 1.66 9.18 -16.95
N ALA C 138 1.65 10.48 -16.66
CA ALA C 138 1.55 10.97 -15.29
C ALA C 138 0.13 11.48 -15.04
N ALA C 139 -0.41 11.15 -13.87
CA ALA C 139 -1.74 11.61 -13.50
C ALA C 139 -1.79 13.14 -13.52
N GLY C 140 -2.92 13.68 -13.97
CA GLY C 140 -3.02 15.11 -14.19
C GLY C 140 -2.48 15.59 -15.52
N ASN C 141 -2.02 14.69 -16.38
CA ASN C 141 -1.52 15.11 -17.69
C ASN C 141 -2.65 15.65 -18.56
N PHE C 142 -2.30 16.61 -19.41
CA PHE C 142 -3.23 17.18 -20.38
C PHE C 142 -2.45 17.41 -21.67
N TRP C 143 -2.82 16.71 -22.74
CA TRP C 143 -2.12 16.96 -23.99
C TRP C 143 -3.02 16.90 -25.22
N GLY C 144 -4.32 17.08 -25.06
CA GLY C 144 -5.22 17.17 -26.19
C GLY C 144 -6.49 16.39 -25.93
N ARG C 145 -7.26 16.16 -26.98
CA ARG C 145 -8.58 15.58 -26.78
C ARG C 145 -8.96 14.64 -27.90
N THR C 146 -7.99 14.05 -28.56
CA THR C 146 -8.31 12.88 -29.36
C THR C 146 -8.75 11.76 -28.42
N LEU C 147 -9.30 10.69 -29.01
CA LEU C 147 -9.66 9.53 -28.21
C LEU C 147 -8.45 8.99 -27.44
N SER C 148 -7.28 9.00 -28.07
CA SER C 148 -6.09 8.45 -27.39
C SER C 148 -5.61 9.39 -26.29
N ALA C 149 -5.69 10.70 -26.51
CA ALA C 149 -5.25 11.65 -25.49
C ALA C 149 -6.10 11.56 -24.22
N ILE C 150 -7.42 11.44 -24.36
CA ILE C 150 -8.26 11.34 -23.17
C ILE C 150 -8.17 9.96 -22.52
N SER C 151 -7.76 8.93 -23.25
CA SER C 151 -7.52 7.62 -22.62
C SER C 151 -6.34 7.66 -21.66
N SER C 152 -5.44 8.62 -21.79
CA SER C 152 -4.32 8.79 -20.87
C SER C 152 -4.66 9.70 -19.70
N SER C 153 -5.88 10.23 -19.65
CA SER C 153 -6.24 11.27 -18.70
C SER C 153 -6.82 10.68 -17.42
N THR C 154 -6.60 11.37 -16.31
CA THR C 154 -7.23 11.03 -15.04
C THR C 154 -8.35 12.00 -14.68
N ASP C 155 -8.75 12.87 -15.60
CA ASP C 155 -9.83 13.82 -15.35
C ASP C 155 -11.12 13.30 -15.96
N PRO C 156 -12.13 12.94 -15.15
CA PRO C 156 -13.35 12.36 -15.70
C PRO C 156 -14.07 13.27 -16.69
N THR C 157 -14.02 14.58 -16.50
CA THR C 157 -14.59 15.50 -17.48
C THR C 157 -14.01 15.27 -18.86
N SER C 158 -12.77 14.79 -18.95
CA SER C 158 -12.13 14.62 -20.26
C SER C 158 -12.50 13.30 -20.91
N TYR C 159 -12.69 12.22 -20.14
CA TYR C 159 -12.90 10.91 -20.72
C TYR C 159 -14.27 10.30 -20.46
N ASP C 160 -14.99 10.73 -19.43
CA ASP C 160 -16.26 10.07 -19.08
C ASP C 160 -17.26 10.18 -20.22
N GLY C 161 -17.78 9.04 -20.66
CA GLY C 161 -18.74 9.00 -21.75
C GLY C 161 -18.15 8.93 -23.14
N PHE C 162 -16.83 8.81 -23.27
CA PHE C 162 -16.26 8.87 -24.62
C PHE C 162 -15.76 7.52 -25.10
N GLY C 163 -16.61 6.48 -24.96
CA GLY C 163 -16.41 5.21 -25.63
C GLY C 163 -15.28 4.45 -25.01
N PRO C 164 -15.04 3.23 -25.48
CA PRO C 164 -13.91 2.44 -24.96
C PRO C 164 -12.59 3.13 -25.28
N PHE C 165 -11.60 2.89 -24.45
CA PHE C 165 -10.38 3.68 -24.44
C PHE C 165 -9.21 2.92 -25.03
N MET C 166 -8.21 3.70 -25.45
CA MET C 166 -7.02 3.16 -26.06
C MET C 166 -6.26 2.26 -25.09
N PRO C 167 -6.02 0.99 -25.43
CA PRO C 167 -5.22 0.14 -24.54
C PRO C 167 -3.75 0.51 -24.58
N GLY C 168 -3.02 0.00 -23.60
CA GLY C 168 -1.58 0.18 -23.57
C GLY C 168 -1.10 1.48 -22.97
N PHE C 169 -1.96 2.21 -22.26
CA PHE C 169 -1.61 3.45 -21.58
C PHE C 169 -1.66 3.20 -20.08
N ASP C 170 -0.50 3.31 -19.42
CA ASP C 170 -0.42 3.19 -17.97
C ASP C 170 -0.23 4.56 -17.36
N ILE C 171 -0.75 4.74 -16.14
CA ILE C 171 -0.76 6.03 -15.48
C ILE C 171 -0.12 5.89 -14.11
N ILE C 172 0.77 6.82 -13.77
CA ILE C 172 1.40 6.86 -12.45
C ILE C 172 1.26 8.28 -11.92
N PRO C 173 1.42 8.46 -10.61
CA PRO C 173 1.40 9.83 -10.08
C PRO C 173 2.53 10.67 -10.66
N TYR C 174 2.29 11.97 -10.72
CA TYR C 174 3.29 12.94 -11.10
C TYR C 174 4.29 13.15 -9.95
N ASN C 175 5.48 13.68 -10.30
CA ASN C 175 6.47 14.06 -9.30
C ASN C 175 6.80 12.90 -8.37
N ASP C 176 6.92 11.70 -8.94
CA ASP C 176 7.03 10.46 -8.17
C ASP C 176 8.01 9.53 -8.88
N LEU C 177 9.29 9.61 -8.50
CA LEU C 177 10.33 8.77 -9.10
C LEU C 177 10.20 7.30 -8.69
N PRO C 178 9.89 6.99 -7.42
CA PRO C 178 9.66 5.57 -7.10
C PRO C 178 8.54 4.94 -7.91
N ALA C 179 7.48 5.68 -8.21
CA ALA C 179 6.39 5.15 -9.03
C ALA C 179 6.85 4.93 -10.47
N LEU C 180 7.70 5.81 -10.99
CA LEU C 180 8.23 5.57 -12.34
C LEU C 180 9.13 4.34 -12.36
N GLU C 181 10.02 4.22 -11.37
CA GLU C 181 10.90 3.06 -11.31
C GLU C 181 10.11 1.76 -11.26
N ARG C 182 9.04 1.74 -10.47
CA ARG C 182 8.22 0.55 -10.38
C ARG C 182 7.53 0.26 -11.71
N ALA C 183 6.99 1.28 -12.38
CA ALA C 183 6.30 1.05 -13.64
C ALA C 183 7.27 0.56 -14.72
N LEU C 184 8.52 1.03 -14.71
CA LEU C 184 9.48 0.67 -15.74
C LEU C 184 10.07 -0.74 -15.57
N GLN C 185 9.62 -1.49 -14.57
CA GLN C 185 10.02 -2.89 -14.47
C GLN C 185 9.41 -3.76 -15.58
N ASP C 186 8.32 -3.30 -16.20
CA ASP C 186 7.68 -4.00 -17.30
C ASP C 186 8.50 -3.78 -18.56
N PRO C 187 9.13 -4.82 -19.11
CA PRO C 187 9.96 -4.63 -20.31
C PRO C 187 9.17 -4.25 -21.56
N ASN C 188 7.84 -4.35 -21.54
CA ASN C 188 7.04 -3.92 -22.68
C ASN C 188 6.77 -2.42 -22.68
N VAL C 189 7.26 -1.67 -21.70
CA VAL C 189 7.12 -0.22 -21.73
C VAL C 189 8.06 0.35 -22.77
N ALA C 190 7.52 1.12 -23.71
CA ALA C 190 8.31 1.76 -24.76
C ALA C 190 8.70 3.19 -24.42
N ALA C 191 7.89 3.91 -23.66
CA ALA C 191 8.11 5.33 -23.46
C ALA C 191 7.37 5.82 -22.22
N PHE C 192 7.81 6.97 -21.72
CA PHE C 192 7.16 7.71 -20.64
C PHE C 192 7.00 9.15 -21.11
N MET C 193 5.76 9.62 -21.21
CA MET C 193 5.47 10.99 -21.62
C MET C 193 5.12 11.82 -20.39
N VAL C 194 5.71 13.00 -20.28
CA VAL C 194 5.55 13.82 -19.08
C VAL C 194 5.78 15.29 -19.42
N GLU C 195 5.02 16.16 -18.73
CA GLU C 195 5.21 17.61 -18.79
C GLU C 195 6.23 18.03 -17.74
N PRO C 196 7.23 18.86 -18.08
CA PRO C 196 8.15 19.36 -17.05
C PRO C 196 7.45 20.16 -15.98
N ILE C 197 6.39 20.87 -16.34
CA ILE C 197 5.45 21.47 -15.40
C ILE C 197 4.06 21.14 -15.93
N GLN C 198 3.17 20.68 -15.07
CA GLN C 198 1.82 20.32 -15.50
C GLN C 198 0.96 21.58 -15.55
N GLY C 199 0.57 21.97 -16.76
CA GLY C 199 -0.17 23.19 -16.97
C GLY C 199 -1.63 23.15 -16.57
N GLU C 200 -2.46 22.41 -17.32
CA GLU C 200 -3.89 22.41 -17.07
C GLU C 200 -4.24 21.79 -15.72
N ALA C 201 -3.35 20.99 -15.12
CA ALA C 201 -3.61 20.50 -13.78
C ALA C 201 -3.46 21.59 -12.72
N GLY C 202 -3.01 22.78 -13.09
CA GLY C 202 -2.92 23.88 -12.15
C GLY C 202 -1.51 24.37 -11.87
N VAL C 203 -0.65 24.37 -12.89
CA VAL C 203 0.74 24.77 -12.78
C VAL C 203 1.39 23.98 -11.65
N VAL C 204 1.47 22.66 -11.81
CA VAL C 204 2.03 21.79 -10.78
C VAL C 204 3.51 21.60 -11.07
N VAL C 205 4.36 22.16 -10.21
CA VAL C 205 5.81 22.16 -10.42
C VAL C 205 6.39 21.01 -9.63
N PRO C 206 7.06 20.04 -10.27
CA PRO C 206 7.64 18.91 -9.54
C PRO C 206 8.83 19.35 -8.73
N ASP C 207 9.24 18.48 -7.79
CA ASP C 207 10.38 18.78 -6.94
C ASP C 207 11.66 18.92 -7.79
N PRO C 208 12.64 19.68 -7.32
CA PRO C 208 13.95 19.70 -8.00
C PRO C 208 14.54 18.30 -8.07
N GLY C 209 15.14 17.99 -9.21
CA GLY C 209 15.73 16.68 -9.43
C GLY C 209 14.80 15.66 -10.07
N TYR C 210 13.51 15.98 -10.18
CA TYR C 210 12.57 15.04 -10.78
C TYR C 210 12.96 14.72 -12.22
N LEU C 211 13.14 15.76 -13.05
CA LEU C 211 13.41 15.54 -14.47
C LEU C 211 14.74 14.82 -14.68
N MET C 212 15.72 15.12 -13.81
CA MET C 212 16.97 14.37 -13.86
C MET C 212 16.76 12.91 -13.49
N GLY C 213 15.88 12.65 -12.51
CA GLY C 213 15.59 11.28 -12.13
C GLY C 213 14.79 10.53 -13.19
N VAL C 214 13.88 11.24 -13.87
CA VAL C 214 13.17 10.63 -14.99
C VAL C 214 14.14 10.25 -16.09
N ARG C 215 15.05 11.15 -16.43
CA ARG C 215 16.02 10.87 -17.50
C ARG C 215 16.89 9.66 -17.15
N GLU C 216 17.37 9.58 -15.90
CA GLU C 216 18.23 8.45 -15.56
C GLU C 216 17.44 7.14 -15.48
N LEU C 217 16.20 7.20 -15.00
CA LEU C 217 15.38 5.99 -14.96
C LEU C 217 15.06 5.49 -16.37
N CYS C 218 14.63 6.39 -17.25
CA CYS C 218 14.33 6.01 -18.63
C CYS C 218 15.55 5.43 -19.32
N THR C 219 16.72 6.06 -19.15
CA THR C 219 17.95 5.52 -19.74
C THR C 219 18.26 4.13 -19.17
N ARG C 220 18.20 4.00 -17.84
CA ARG C 220 18.55 2.74 -17.18
C ARG C 220 17.69 1.58 -17.67
N HIS C 221 16.42 1.82 -17.96
CA HIS C 221 15.49 0.76 -18.36
C HIS C 221 15.19 0.78 -19.86
N GLN C 222 15.91 1.59 -20.62
CA GLN C 222 15.80 1.62 -22.09
C GLN C 222 14.36 1.94 -22.50
N VAL C 223 13.90 3.10 -22.04
CA VAL C 223 12.56 3.60 -22.29
C VAL C 223 12.71 5.04 -22.78
N LEU C 224 11.92 5.41 -23.80
CA LEU C 224 12.02 6.74 -24.36
C LEU C 224 11.42 7.76 -23.41
N PHE C 225 12.13 8.87 -23.24
CA PHE C 225 11.69 9.99 -22.40
C PHE C 225 11.12 11.04 -23.34
N ILE C 226 9.79 11.16 -23.34
CA ILE C 226 9.09 12.15 -24.15
C ILE C 226 8.75 13.33 -23.26
N ALA C 227 9.26 14.51 -23.61
CA ALA C 227 8.98 15.74 -22.87
C ALA C 227 7.93 16.55 -23.62
N ASP C 228 6.77 16.74 -23.01
CA ASP C 228 5.72 17.59 -23.58
C ASP C 228 6.02 19.03 -23.17
N GLU C 229 6.66 19.78 -24.05
CA GLU C 229 6.96 21.19 -23.83
C GLU C 229 6.09 22.11 -24.67
N ILE C 230 4.88 21.64 -25.01
CA ILE C 230 3.99 22.44 -25.84
C ILE C 230 3.53 23.69 -25.10
N GLN C 231 3.45 23.62 -23.77
CA GLN C 231 3.11 24.81 -22.98
C GLN C 231 4.28 25.36 -22.17
N THR C 232 5.22 24.52 -21.74
CA THR C 232 6.34 24.99 -20.93
C THR C 232 7.52 25.48 -21.75
N GLY C 233 7.67 25.02 -22.98
CA GLY C 233 8.82 25.40 -23.80
C GLY C 233 8.72 26.82 -24.33
N LEU C 234 9.73 27.16 -25.14
CA LEU C 234 9.77 28.44 -25.86
C LEU C 234 9.68 29.63 -24.91
N ALA C 235 10.55 29.62 -23.90
CA ALA C 235 10.91 30.71 -22.99
C ALA C 235 9.87 30.95 -21.89
N ARG C 236 8.72 30.26 -21.90
CA ARG C 236 7.64 30.60 -20.97
C ARG C 236 8.06 30.40 -19.52
N THR C 237 8.88 29.39 -19.22
CA THR C 237 9.32 29.14 -17.85
C THR C 237 10.68 29.75 -17.53
N GLY C 238 11.26 30.54 -18.43
CA GLY C 238 12.53 31.18 -18.17
C GLY C 238 13.73 30.56 -18.86
N ARG C 239 13.54 29.42 -19.52
CA ARG C 239 14.56 28.81 -20.36
C ARG C 239 13.93 28.48 -21.70
N TRP C 240 14.77 28.17 -22.69
CA TRP C 240 14.25 27.69 -23.97
C TRP C 240 13.28 26.54 -23.76
N LEU C 241 13.71 25.53 -23.02
CA LEU C 241 12.86 24.43 -22.59
C LEU C 241 12.94 24.34 -21.08
N ALA C 242 11.80 24.04 -20.45
CA ALA C 242 11.80 23.86 -19.00
C ALA C 242 12.79 22.79 -18.57
N VAL C 243 13.02 21.79 -19.43
CA VAL C 243 13.97 20.74 -19.12
C VAL C 243 15.41 21.26 -19.04
N ASP C 244 15.70 22.46 -19.57
CA ASP C 244 17.04 23.02 -19.46
C ASP C 244 17.40 23.39 -18.03
N TYR C 245 16.42 23.56 -17.13
CA TYR C 245 16.74 23.87 -15.74
C TYR C 245 17.57 22.76 -15.09
N GLU C 246 17.43 21.52 -15.53
CA GLU C 246 18.18 20.41 -14.98
C GLU C 246 19.12 19.78 -16.00
N ASN C 247 19.37 20.49 -17.12
CA ASN C 247 20.30 20.05 -18.17
C ASN C 247 19.97 18.66 -18.69
N VAL C 248 18.70 18.35 -18.80
CA VAL C 248 18.24 17.01 -19.18
C VAL C 248 17.89 17.02 -20.67
N ARG C 249 18.29 15.95 -21.37
CA ARG C 249 17.97 15.82 -22.79
C ARG C 249 16.93 14.74 -23.01
N PRO C 250 15.68 15.10 -23.30
CA PRO C 250 14.67 14.09 -23.61
C PRO C 250 14.98 13.39 -24.93
N ASP C 251 14.42 12.19 -25.08
CA ASP C 251 14.54 11.47 -26.34
C ASP C 251 13.64 12.05 -27.42
N ILE C 252 12.48 12.58 -27.03
CA ILE C 252 11.53 13.23 -27.92
C ILE C 252 11.03 14.50 -27.24
N VAL C 253 11.04 15.62 -27.96
CA VAL C 253 10.54 16.88 -27.44
C VAL C 253 9.36 17.32 -28.29
N LEU C 254 8.26 17.67 -27.63
CA LEU C 254 7.05 18.15 -28.31
C LEU C 254 6.96 19.66 -28.13
N LEU C 255 6.77 20.38 -29.23
CA LEU C 255 6.60 21.82 -29.20
C LEU C 255 5.30 22.18 -29.89
N GLY C 256 4.75 23.33 -29.52
CA GLY C 256 3.52 23.80 -30.12
C GLY C 256 3.20 25.21 -29.68
N LYS C 257 1.92 25.56 -29.79
CA LYS C 257 1.33 26.79 -29.28
C LYS C 257 2.14 28.04 -29.60
N ALA C 258 3.13 28.37 -28.78
CA ALA C 258 3.96 29.55 -29.02
C ALA C 258 4.88 29.39 -30.21
N LEU C 259 4.98 28.18 -30.78
CA LEU C 259 5.83 27.98 -31.95
C LEU C 259 5.45 28.90 -33.11
N SER C 260 4.27 29.52 -33.06
CA SER C 260 3.82 30.40 -34.12
C SER C 260 3.46 31.79 -33.63
N GLY C 261 3.63 32.09 -32.34
CA GLY C 261 3.14 33.36 -31.81
C GLY C 261 1.65 33.53 -31.91
N GLY C 262 0.91 32.43 -32.04
CA GLY C 262 -0.55 32.48 -32.11
C GLY C 262 -1.12 32.79 -33.47
N LEU C 263 -0.29 32.90 -34.52
CA LEU C 263 -0.78 33.27 -35.83
C LEU C 263 -1.11 32.07 -36.72
N TYR C 264 -0.76 30.86 -36.31
CA TYR C 264 -0.97 29.67 -37.13
C TYR C 264 -0.83 28.41 -36.28
N PRO C 265 -1.66 27.39 -36.48
CA PRO C 265 -1.46 26.15 -35.71
C PRO C 265 -0.23 25.39 -36.21
N VAL C 266 0.85 25.44 -35.43
CA VAL C 266 2.09 24.76 -35.79
C VAL C 266 2.60 24.02 -34.55
N SER C 267 2.96 22.76 -34.72
CA SER C 267 3.55 21.94 -33.68
C SER C 267 4.69 21.14 -34.29
N ALA C 268 5.57 20.63 -33.42
CA ALA C 268 6.78 19.97 -33.88
C ALA C 268 7.12 18.79 -32.98
N VAL C 269 7.75 17.78 -33.59
CA VAL C 269 8.25 16.62 -32.88
C VAL C 269 9.73 16.48 -33.22
N LEU C 270 10.59 16.59 -32.22
CA LEU C 270 12.04 16.54 -32.40
C LEU C 270 12.61 15.27 -31.78
N CYS C 271 13.48 14.58 -32.53
CA CYS C 271 14.26 13.48 -31.99
C CYS C 271 15.34 13.10 -32.99
N ASP C 272 16.22 12.19 -32.58
CA ASP C 272 17.33 11.74 -33.41
C ASP C 272 16.90 10.67 -34.41
N ASP C 273 17.79 10.38 -35.37
CA ASP C 273 17.47 9.49 -36.48
C ASP C 273 17.03 8.11 -36.00
N ASP C 274 17.66 7.59 -34.95
CA ASP C 274 17.36 6.23 -34.51
C ASP C 274 15.92 6.08 -34.04
N ILE C 275 15.27 7.18 -33.65
CA ILE C 275 13.83 7.18 -33.36
C ILE C 275 13.02 7.67 -34.56
N MET C 276 13.44 8.79 -35.15
CA MET C 276 12.62 9.43 -36.17
C MET C 276 12.42 8.54 -37.39
N LEU C 277 13.46 7.81 -37.79
CA LEU C 277 13.43 7.05 -39.03
C LEU C 277 12.79 5.67 -38.86
N THR C 278 12.19 5.39 -37.70
CA THR C 278 11.34 4.20 -37.62
C THR C 278 10.05 4.37 -38.42
N ILE C 279 9.67 5.60 -38.71
CA ILE C 279 8.51 5.87 -39.55
C ILE C 279 9.01 6.07 -40.98
N LYS C 280 8.49 5.26 -41.89
CA LYS C 280 8.88 5.20 -43.28
C LYS C 280 7.98 6.07 -44.13
N PRO C 281 8.35 6.33 -45.39
CA PRO C 281 7.48 7.12 -46.27
C PRO C 281 6.09 6.50 -46.41
N GLY C 282 5.07 7.35 -46.32
CA GLY C 282 3.70 6.91 -46.38
C GLY C 282 3.11 6.47 -45.06
N GLU C 283 3.91 6.42 -43.98
CA GLU C 283 3.42 5.91 -42.71
C GLU C 283 3.02 6.99 -41.71
N HIS C 284 3.35 8.27 -41.99
CA HIS C 284 2.83 9.36 -41.17
C HIS C 284 2.81 10.62 -41.99
N GLY C 285 1.92 11.52 -41.59
CA GLY C 285 1.85 12.81 -42.22
C GLY C 285 0.56 13.50 -41.86
N SER C 286 0.25 14.52 -42.64
CA SER C 286 -0.86 15.40 -42.35
C SER C 286 -1.00 16.42 -43.47
N THR C 287 -2.23 16.77 -43.84
CA THR C 287 -2.46 17.68 -44.95
C THR C 287 -1.68 18.99 -44.77
N TYR C 288 -1.97 19.72 -43.70
CA TYR C 288 -1.38 21.04 -43.48
C TYR C 288 -0.03 20.98 -42.76
N GLY C 289 0.42 19.79 -42.35
CA GLY C 289 1.67 19.69 -41.62
C GLY C 289 2.84 20.09 -42.49
N GLY C 290 3.65 21.05 -42.02
CA GLY C 290 4.82 21.47 -42.77
C GLY C 290 4.54 22.40 -43.92
N ASN C 291 3.37 23.03 -43.95
CA ASN C 291 3.03 23.94 -45.04
C ASN C 291 3.89 25.19 -44.97
N PRO C 292 4.14 25.86 -46.10
CA PRO C 292 5.11 26.96 -46.11
C PRO C 292 4.65 28.19 -45.34
N LEU C 293 3.35 28.44 -45.24
CA LEU C 293 2.89 29.59 -44.45
C LEU C 293 3.18 29.38 -42.98
N GLY C 294 2.87 28.17 -42.47
CA GLY C 294 3.14 27.88 -41.07
C GLY C 294 4.62 27.85 -40.75
N CYS C 295 5.45 27.36 -41.69
CA CYS C 295 6.89 27.29 -41.45
C CYS C 295 7.52 28.68 -41.38
N ARG C 296 7.12 29.59 -42.27
CA ARG C 296 7.68 30.94 -42.23
C ARG C 296 7.24 31.67 -40.97
N VAL C 297 5.98 31.49 -40.58
CA VAL C 297 5.50 32.03 -39.31
C VAL C 297 6.33 31.51 -38.14
N ALA C 298 6.63 30.22 -38.14
CA ALA C 298 7.35 29.63 -37.02
C ALA C 298 8.80 30.09 -36.96
N ILE C 299 9.42 30.29 -38.13
CA ILE C 299 10.79 30.84 -38.15
C ILE C 299 10.83 32.19 -37.48
N ALA C 300 9.89 33.07 -37.85
CA ALA C 300 9.83 34.39 -37.22
C ALA C 300 9.52 34.28 -35.73
N ALA C 301 8.60 33.38 -35.36
CA ALA C 301 8.23 33.25 -33.96
C ALA C 301 9.41 32.80 -33.11
N LEU C 302 10.23 31.89 -33.63
CA LEU C 302 11.43 31.46 -32.90
C LEU C 302 12.49 32.56 -32.90
N GLU C 303 12.52 33.39 -33.95
CA GLU C 303 13.53 34.44 -34.03
C GLU C 303 13.26 35.54 -33.02
N VAL C 304 12.01 35.93 -32.82
CA VAL C 304 11.77 37.00 -31.85
C VAL C 304 11.97 36.51 -30.43
N LEU C 305 11.79 35.21 -30.17
CA LEU C 305 12.08 34.69 -28.83
C LEU C 305 13.56 34.80 -28.51
N GLU C 306 14.42 34.52 -29.49
CA GLU C 306 15.86 34.63 -29.28
C GLU C 306 16.31 36.09 -29.28
N GLU C 307 15.83 36.88 -30.25
CA GLU C 307 16.32 38.24 -30.42
C GLU C 307 15.94 39.13 -29.25
N GLU C 308 14.70 39.01 -28.78
CA GLU C 308 14.22 39.85 -27.68
C GLU C 308 14.51 39.25 -26.32
N ASN C 309 15.13 38.07 -26.26
CA ASN C 309 15.65 37.52 -25.02
C ASN C 309 14.54 37.25 -24.02
N LEU C 310 13.41 36.72 -24.52
CA LEU C 310 12.22 36.60 -23.68
C LEU C 310 12.38 35.58 -22.57
N ALA C 311 13.34 34.65 -22.69
CA ALA C 311 13.59 33.69 -21.61
C ALA C 311 14.12 34.38 -20.37
N GLU C 312 15.13 35.24 -20.52
CA GLU C 312 15.64 35.96 -19.35
C GLU C 312 14.60 36.92 -18.79
N ASN C 313 13.82 37.56 -19.66
CA ASN C 313 12.75 38.43 -19.17
C ASN C 313 11.74 37.65 -18.36
N ALA C 314 11.34 36.47 -18.86
CA ALA C 314 10.38 35.64 -18.14
C ALA C 314 10.93 35.15 -16.81
N ASP C 315 12.23 34.86 -16.77
CA ASP C 315 12.85 34.37 -15.55
C ASP C 315 12.85 35.44 -14.46
N LYS C 316 13.32 36.64 -14.78
CA LYS C 316 13.45 37.69 -13.77
C LYS C 316 12.09 38.27 -13.39
N LEU C 317 11.22 38.51 -14.38
CA LEU C 317 9.90 39.04 -14.06
C LEU C 317 9.04 38.03 -13.32
N GLY C 318 9.24 36.73 -13.59
CA GLY C 318 8.53 35.71 -12.85
C GLY C 318 8.91 35.70 -11.38
N ILE C 319 10.15 36.08 -11.06
CA ILE C 319 10.57 36.16 -9.67
C ILE C 319 9.85 37.30 -8.96
N ILE C 320 9.70 38.44 -9.64
CA ILE C 320 8.99 39.57 -9.04
C ILE C 320 7.54 39.21 -8.79
N LEU C 321 6.87 38.65 -9.80
CA LEU C 321 5.45 38.34 -9.69
C LEU C 321 5.18 37.37 -8.54
N ARG C 322 5.96 36.28 -8.47
CA ARG C 322 5.76 35.31 -7.40
C ARG C 322 6.04 35.91 -6.03
N ASN C 323 7.07 36.77 -5.93
CA ASN C 323 7.39 37.39 -4.65
C ASN C 323 6.28 38.34 -4.21
N GLU C 324 5.67 39.06 -5.15
CA GLU C 324 4.58 39.97 -4.78
C GLU C 324 3.30 39.22 -4.45
N LEU C 325 3.02 38.11 -5.15
CA LEU C 325 1.80 37.36 -4.87
C LEU C 325 1.86 36.73 -3.49
N MET C 326 3.03 36.26 -3.07
CA MET C 326 3.16 35.68 -1.73
C MET C 326 2.92 36.68 -0.62
N LYS C 327 2.92 37.99 -0.93
CA LYS C 327 2.64 39.01 0.07
C LYS C 327 1.17 39.07 0.44
N LEU C 328 0.27 38.61 -0.44
CA LEU C 328 -1.14 38.60 -0.12
C LEU C 328 -1.40 37.69 1.07
N PRO C 329 -2.41 38.00 1.88
CA PRO C 329 -2.57 37.25 3.15
C PRO C 329 -2.83 35.78 2.90
N SER C 330 -2.18 34.94 3.70
CA SER C 330 -2.40 33.51 3.60
C SER C 330 -3.84 33.14 3.90
N ASP C 331 -4.56 34.00 4.64
CA ASP C 331 -5.98 33.77 4.90
C ASP C 331 -6.78 33.64 3.61
N VAL C 332 -6.35 34.33 2.55
CA VAL C 332 -7.11 34.38 1.32
C VAL C 332 -6.44 33.62 0.18
N VAL C 333 -5.11 33.59 0.13
CA VAL C 333 -4.36 32.88 -0.91
C VAL C 333 -3.58 31.76 -0.22
N THR C 334 -3.89 30.51 -0.60
CA THR C 334 -3.26 29.35 0.03
C THR C 334 -1.84 29.14 -0.45
N ALA C 335 -1.59 29.28 -1.75
CA ALA C 335 -0.30 28.92 -2.32
C ALA C 335 -0.01 29.75 -3.56
N VAL C 336 1.27 29.89 -3.85
CA VAL C 336 1.76 30.55 -5.06
C VAL C 336 2.83 29.65 -5.67
N ARG C 337 2.67 29.32 -6.94
CA ARG C 337 3.63 28.40 -7.56
C ARG C 337 3.83 28.78 -9.02
N GLY C 338 4.96 28.34 -9.56
CA GLY C 338 5.26 28.55 -10.96
C GLY C 338 6.74 28.63 -11.20
N LYS C 339 7.09 28.80 -12.48
CA LYS C 339 8.45 29.03 -12.92
C LYS C 339 8.41 29.96 -14.13
N GLY C 340 9.30 30.95 -14.16
CA GLY C 340 9.20 31.96 -15.21
C GLY C 340 7.86 32.67 -15.15
N LEU C 341 7.24 32.86 -16.32
CA LEU C 341 5.96 33.55 -16.40
C LEU C 341 4.79 32.59 -16.54
N LEU C 342 4.94 31.36 -16.07
CA LEU C 342 3.84 30.41 -15.92
C LEU C 342 3.63 30.21 -14.42
N ASN C 343 2.57 30.82 -13.88
CA ASN C 343 2.36 30.82 -12.44
C ASN C 343 0.88 30.64 -12.15
N ALA C 344 0.58 30.37 -10.87
CA ALA C 344 -0.79 30.21 -10.43
C ALA C 344 -0.86 30.46 -8.92
N ILE C 345 -2.04 30.87 -8.47
CA ILE C 345 -2.31 30.99 -7.05
C ILE C 345 -3.47 30.06 -6.71
N VAL C 346 -3.51 29.64 -5.45
CA VAL C 346 -4.63 28.90 -4.90
C VAL C 346 -5.32 29.80 -3.88
N ILE C 347 -6.62 29.97 -4.03
CA ILE C 347 -7.43 30.76 -3.10
C ILE C 347 -8.21 29.82 -2.21
N LYS C 348 -8.39 30.19 -0.95
CA LYS C 348 -9.20 29.40 -0.03
C LYS C 348 -10.64 29.46 -0.51
N GLU C 349 -11.07 28.42 -1.23
CA GLU C 349 -12.41 28.41 -1.80
C GLU C 349 -13.48 28.24 -0.73
N THR C 350 -13.97 29.35 -0.21
CA THR C 350 -15.24 29.36 0.50
C THR C 350 -16.35 29.26 -0.54
N LYS C 351 -17.57 29.62 -0.18
CA LYS C 351 -18.52 30.04 -1.22
C LYS C 351 -19.12 31.40 -0.88
N ASP C 352 -18.43 32.18 -0.05
CA ASP C 352 -18.52 33.62 -0.19
C ASP C 352 -18.10 34.02 -1.59
N TRP C 353 -17.25 33.20 -2.23
CA TRP C 353 -16.62 33.50 -3.50
C TRP C 353 -15.93 32.23 -3.99
N ASP C 354 -15.38 32.29 -5.20
CA ASP C 354 -14.54 31.22 -5.73
C ASP C 354 -13.68 31.81 -6.84
N ALA C 355 -12.88 30.95 -7.47
CA ALA C 355 -11.93 31.44 -8.48
C ALA C 355 -12.65 32.08 -9.65
N TRP C 356 -13.81 31.55 -10.02
CA TRP C 356 -14.61 32.17 -11.08
C TRP C 356 -15.01 33.59 -10.70
N LYS C 357 -15.44 33.79 -9.45
CA LYS C 357 -15.85 35.13 -9.01
C LYS C 357 -14.67 36.09 -9.01
N VAL C 358 -13.48 35.61 -8.65
CA VAL C 358 -12.30 36.47 -8.65
C VAL C 358 -11.97 36.91 -10.07
N CYS C 359 -12.03 35.98 -11.02
CA CYS C 359 -11.68 36.30 -12.41
C CYS C 359 -12.69 37.25 -13.05
N LEU C 360 -13.96 37.16 -12.64
CA LEU C 360 -14.95 38.12 -13.10
C LEU C 360 -14.62 39.53 -12.62
N ARG C 361 -14.19 39.66 -11.36
CA ARG C 361 -13.84 40.97 -10.84
C ARG C 361 -12.50 41.45 -11.38
N LEU C 362 -11.54 40.54 -11.53
CA LEU C 362 -10.29 40.89 -12.22
C LEU C 362 -10.60 41.47 -13.59
N ARG C 363 -11.51 40.83 -14.33
CA ARG C 363 -11.92 41.35 -15.63
C ARG C 363 -12.50 42.76 -15.50
N ASP C 364 -13.36 42.98 -14.51
CA ASP C 364 -13.89 44.32 -14.28
C ASP C 364 -12.79 45.33 -14.00
N ASN C 365 -11.70 44.88 -13.37
CA ASN C 365 -10.58 45.75 -13.05
C ASN C 365 -9.49 45.74 -14.12
N GLY C 366 -9.75 45.14 -15.29
CA GLY C 366 -8.85 45.24 -16.42
C GLY C 366 -7.80 44.17 -16.54
N LEU C 367 -8.03 42.97 -16.00
CA LEU C 367 -7.06 41.88 -16.11
C LEU C 367 -7.80 40.59 -16.41
N LEU C 368 -7.39 39.89 -17.47
CA LEU C 368 -8.06 38.68 -17.93
C LEU C 368 -7.27 37.45 -17.48
N ALA C 369 -7.88 36.67 -16.59
CA ALA C 369 -7.27 35.44 -16.10
C ALA C 369 -8.31 34.34 -16.09
N LYS C 370 -7.84 33.10 -16.17
CA LYS C 370 -8.71 31.95 -16.25
C LYS C 370 -8.57 31.08 -15.02
N PRO C 371 -9.68 30.68 -14.39
CA PRO C 371 -9.61 29.65 -13.36
C PRO C 371 -9.56 28.26 -13.98
N THR C 372 -8.87 27.35 -13.28
CA THR C 372 -8.59 26.04 -13.83
C THR C 372 -9.24 24.89 -13.06
N HIS C 373 -9.73 25.12 -11.84
CA HIS C 373 -10.27 24.03 -11.04
C HIS C 373 -11.37 24.50 -10.10
N GLY C 374 -11.55 25.81 -9.95
CA GLY C 374 -12.47 26.37 -8.97
C GLY C 374 -11.77 27.07 -7.82
N ASP C 375 -10.53 26.69 -7.50
CA ASP C 375 -9.74 27.40 -6.49
C ASP C 375 -8.34 27.74 -6.99
N ILE C 376 -8.07 27.59 -8.29
CA ILE C 376 -6.76 27.87 -8.87
C ILE C 376 -6.96 28.89 -9.99
N ILE C 377 -6.19 29.97 -9.94
CA ILE C 377 -6.19 30.99 -10.98
C ILE C 377 -4.80 31.06 -11.58
N ARG C 378 -4.72 30.98 -12.90
CA ARG C 378 -3.45 31.04 -13.61
C ARG C 378 -3.11 32.48 -13.95
N PHE C 379 -1.83 32.82 -13.81
CA PHE C 379 -1.32 34.15 -14.19
C PHE C 379 -0.15 33.91 -15.16
N ALA C 380 -0.40 34.11 -16.45
CA ALA C 380 0.60 33.83 -17.47
C ALA C 380 0.51 34.91 -18.56
N PRO C 381 1.11 36.07 -18.32
CA PRO C 381 1.07 37.14 -19.32
C PRO C 381 2.08 36.88 -20.42
N PRO C 382 1.97 37.58 -21.56
CA PRO C 382 2.97 37.40 -22.62
C PRO C 382 4.35 37.80 -22.15
N LEU C 383 5.36 37.10 -22.68
CA LEU C 383 6.73 37.26 -22.22
C LEU C 383 7.32 38.61 -22.61
N VAL C 384 6.67 39.35 -23.51
CA VAL C 384 7.14 40.70 -23.86
C VAL C 384 6.75 41.74 -22.82
N ILE C 385 6.07 41.33 -21.75
CA ILE C 385 5.68 42.29 -20.73
C ILE C 385 6.92 42.90 -20.08
N LYS C 386 6.80 44.16 -19.69
CA LYS C 386 7.88 44.89 -19.02
C LYS C 386 7.56 45.04 -17.55
N GLU C 387 8.58 45.41 -16.77
CA GLU C 387 8.45 45.42 -15.32
C GLU C 387 7.38 46.41 -14.86
N ASP C 388 7.33 47.60 -15.49
CA ASP C 388 6.31 48.56 -15.08
C ASP C 388 4.91 48.06 -15.39
N GLU C 389 4.72 47.48 -16.57
CA GLU C 389 3.43 46.89 -16.92
C GLU C 389 3.08 45.73 -15.99
N LEU C 390 4.07 44.89 -15.67
CA LEU C 390 3.83 43.80 -14.72
C LEU C 390 3.41 44.34 -13.36
N ARG C 391 4.05 45.42 -12.91
CA ARG C 391 3.74 45.94 -11.59
C ARG C 391 2.36 46.58 -11.53
N GLU C 392 1.93 47.23 -12.62
CA GLU C 392 0.55 47.71 -12.68
C GLU C 392 -0.44 46.56 -12.61
N SER C 393 -0.13 45.43 -13.25
CA SER C 393 -0.99 44.26 -13.22
C SER C 393 -1.07 43.66 -11.81
N ILE C 394 0.07 43.63 -11.11
CA ILE C 394 0.10 43.13 -9.74
C ILE C 394 -0.79 44.00 -8.85
N GLU C 395 -0.82 45.31 -9.11
CA GLU C 395 -1.71 46.19 -8.36
C GLU C 395 -3.17 45.89 -8.66
N ILE C 396 -3.50 45.48 -9.89
CA ILE C 396 -4.86 45.07 -10.22
C ILE C 396 -5.22 43.80 -9.47
N ILE C 397 -4.29 42.85 -9.41
CA ILE C 397 -4.52 41.63 -8.64
C ILE C 397 -4.67 41.95 -7.16
N ASN C 398 -3.81 42.84 -6.64
CA ASN C 398 -3.91 43.24 -5.24
C ASN C 398 -5.27 43.86 -4.95
N LYS C 399 -5.69 44.82 -5.80
CA LYS C 399 -6.96 45.49 -5.58
C LYS C 399 -8.13 44.50 -5.61
N THR C 400 -8.10 43.56 -6.55
CA THR C 400 -9.20 42.61 -6.68
C THR C 400 -9.26 41.67 -5.49
N ILE C 401 -8.12 41.10 -5.10
CA ILE C 401 -8.10 40.12 -4.02
C ILE C 401 -8.64 40.73 -2.73
N LEU C 402 -8.14 41.90 -2.36
CA LEU C 402 -8.51 42.54 -1.11
C LEU C 402 -9.86 43.28 -1.19
N SER C 403 -10.63 43.09 -2.25
CA SER C 403 -11.91 43.76 -2.39
C SER C 403 -13.09 42.92 -1.92
N PHE C 404 -12.84 41.68 -1.50
CA PHE C 404 -13.92 40.79 -1.10
C PHE C 404 -14.16 40.82 0.42
N1 PLP D . -6.84 -2.50 6.81
C2 PLP D . -7.07 -1.23 7.34
C2A PLP D . -8.23 -0.42 6.86
C3 PLP D . -6.23 -0.72 8.33
O3 PLP D . -6.47 0.52 8.85
C4 PLP D . -5.15 -1.47 8.79
C4A PLP D . -4.45 -1.01 10.05
C5 PLP D . -4.92 -2.74 8.26
C6 PLP D . -5.77 -3.24 7.28
C5A PLP D . -3.75 -3.58 8.73
O4P PLP D . -4.10 -4.54 9.69
P PLP D . -2.94 -5.14 10.64
O1P PLP D . -2.13 -6.14 9.82
O2P PLP D . -3.59 -5.79 11.84
O3P PLP D . -2.04 -4.02 11.09
C4 O78 E . -3.00 0.92 10.63
C5 O78 E . -3.47 -0.15 9.65
C6 O78 E . -2.37 -0.30 8.61
C2 O78 E . -0.65 0.03 10.30
C1 O78 E . 0.70 -0.31 10.73
C3 O78 E . -1.68 0.51 11.30
C7 O78 E . -0.97 -0.11 9.00
N10 O78 E . -2.66 -0.58 7.41
O8 O78 E . 1.41 -0.98 9.94
O9 O78 E . 1.13 0.04 11.86
N1 PLP F . 7.26 -21.18 9.16
C2 PLP F . 7.19 -22.46 9.66
C2A PLP F . 8.41 -23.32 9.71
C3 PLP F . 5.96 -22.96 10.10
O3 PLP F . 5.89 -24.23 10.61
C4 PLP F . 4.82 -22.16 10.06
C4A PLP F . 3.59 -22.63 10.78
C5 PLP F . 4.92 -20.86 9.54
C6 PLP F . 6.14 -20.38 9.11
C5A PLP F . 3.71 -19.95 9.46
O4P PLP F . 3.30 -19.58 10.76
P PLP F . 1.84 -18.93 10.98
O1P PLP F . 1.82 -18.42 12.41
O2P PLP F . 0.79 -19.99 10.75
O3P PLP F . 1.61 -17.81 10.00
C4 O78 G . 2.07 -24.79 10.12
C5 O78 G . 2.94 -23.64 9.62
C6 O78 G . 2.52 -23.42 8.19
C2 O78 G . 0.18 -23.76 8.77
C1 O78 G . -1.22 -23.42 8.53
C3 O78 G . 0.59 -24.42 10.07
C7 O78 G . 1.10 -23.49 7.82
N10 O78 G . 3.39 -23.18 7.31
O8 O78 G . -2.12 -23.96 9.22
O9 O78 G . -1.48 -22.57 7.65
N1 PLP H . 0.36 19.52 -24.52
C2 PLP H . 0.32 20.55 -23.61
C2A PLP H . 1.35 20.65 -22.54
C3 PLP H . -0.67 21.51 -23.69
O3 PLP H . -0.68 22.52 -22.77
C4 PLP H . -1.65 21.45 -24.69
C4A PLP H . -2.81 22.42 -24.68
C5 PLP H . -1.61 20.41 -25.60
C6 PLP H . -0.60 19.46 -25.52
C5A PLP H . -2.64 20.27 -26.71
O4P PLP H . -2.51 21.32 -27.64
P PLP H . -3.61 21.56 -28.80
O1P PLP H . -2.95 22.44 -29.86
O2P PLP H . -4.81 22.26 -28.23
O3P PLP H . -4.06 20.25 -29.39
C4 O78 I . -4.37 23.74 -23.23
C5 O78 I . -3.67 22.51 -23.82
C6 O78 I . -4.69 21.41 -23.72
C2 O78 I . -6.52 22.93 -24.30
C1 O78 I . -7.89 23.14 -24.79
C3 O78 I . -5.60 24.11 -24.06
C7 O78 I . -6.10 21.66 -24.07
N10 O78 I . -4.33 20.26 -23.36
O8 O78 I . -8.46 24.25 -24.60
O9 O78 I . -8.45 22.21 -25.41
#